data_8VF1
#
_entry.id   8VF1
#
_cell.length_a   55.822
_cell.length_b   80.155
_cell.length_c   95.136
_cell.angle_alpha   90.000
_cell.angle_beta   106.483
_cell.angle_gamma   90.000
#
_symmetry.space_group_name_H-M   'P 1 21 1'
#
loop_
_entity.id
_entity.type
_entity.pdbx_description
1 polymer 'Glycoprotein G'
2 branched alpha-D-mannopyranose-(1-3)-[alpha-D-mannopyranose-(1-6)]beta-D-mannopyranose-(1-4)-2-acetamido-2-deoxy-beta-D-glucopyranose-(1-4)-2-acetamido-2-deoxy-beta-D-glucopyranose
3 non-polymer 2-acetamido-2-deoxy-beta-D-glucopyranose
#
_entity_poly.entity_id   1
_entity_poly.type   'polypeptide(L)'
_entity_poly.pdbx_seq_one_letter_code
;DRSLHHHHHHGGENLYFQGYRPISQGVSDLVGLPNQICLQKTTSTILKPRLISYTLPINTREGVCITDPLLAVDNGFFAY
SHLEKIGSCTRGIAKQRIIGVGEVLDRGDKVPSMFMTNVWTPPNPSTIHHCSSTYHEDFYYTLCAVSHVGDPILNSTSWT
ESLSLIRLAVRPKSDSGDYNQKYIAITKVERGKYDKVMPYGPSGIKQGDTLYFPAVGFLPRTEFQYNDSNCPIIHCKYSK
AENCRLSMGVNSKSHYILRSGLLKYNLSLGGDIILQFIEIADNRLTIGSPSKIYNSLGQPVFYQASYSWDTMIKLGDVDT
VDPLRVQWRNNSVISRPGQSQCPRFNVCPEVCWEGTYNDAFLIDRLNWVSAGVYLNSNQTAENPVFAVFKDNEILYQVPL
AEDDTNAQKTITDCFLLENVIWCISLVEIYDTGDSVIRPKLFAVKIPAQCSES
;
_entity_poly.pdbx_strand_id   A,B
#
# COMPACT_ATOMS: atom_id res chain seq x y z
N ASN A 35 -11.17 -5.22 -43.89
CA ASN A 35 -12.20 -4.49 -43.16
C ASN A 35 -12.20 -3.01 -43.53
N GLN A 36 -13.37 -2.50 -43.87
CA GLN A 36 -13.54 -1.10 -44.21
C GLN A 36 -14.80 -0.56 -43.54
N ILE A 37 -14.92 0.77 -43.52
CA ILE A 37 -16.01 1.46 -42.85
C ILE A 37 -16.59 2.48 -43.81
N CYS A 38 -17.79 2.96 -43.48
CA CYS A 38 -18.38 4.07 -44.22
C CYS A 38 -17.51 5.30 -44.07
N LEU A 39 -16.99 5.80 -45.19
CA LEU A 39 -16.02 6.90 -45.20
C LEU A 39 -16.57 8.13 -45.90
N GLN A 40 -17.89 8.23 -46.06
CA GLN A 40 -18.52 9.36 -46.74
C GLN A 40 -19.49 10.05 -45.79
N LYS A 41 -19.67 11.35 -45.99
CA LYS A 41 -20.56 12.13 -45.14
C LYS A 41 -22.00 11.78 -45.44
N THR A 42 -22.70 11.25 -44.43
CA THR A 42 -24.11 10.94 -44.54
C THR A 42 -24.85 11.56 -43.36
N THR A 43 -25.98 12.20 -43.64
CA THR A 43 -26.87 12.71 -42.61
C THR A 43 -27.88 11.67 -42.16
N SER A 44 -27.79 10.44 -42.67
CA SER A 44 -28.71 9.38 -42.32
C SER A 44 -28.30 8.73 -41.00
N THR A 45 -29.22 7.92 -40.46
CA THR A 45 -28.97 7.20 -39.21
C THR A 45 -28.43 5.81 -39.53
N ILE A 46 -27.21 5.80 -40.09
CA ILE A 46 -26.50 4.54 -40.26
C ILE A 46 -25.86 4.06 -38.97
N LEU A 47 -25.90 4.88 -37.92
CA LEU A 47 -25.40 4.52 -36.60
C LEU A 47 -26.59 4.27 -35.68
N LYS A 48 -26.69 3.06 -35.15
CA LYS A 48 -27.79 2.68 -34.25
C LYS A 48 -27.20 2.24 -32.92
N PRO A 49 -27.18 3.09 -31.90
CA PRO A 49 -26.59 2.69 -30.62
C PRO A 49 -27.49 1.72 -29.87
N ARG A 50 -26.86 0.71 -29.26
CA ARG A 50 -27.54 -0.29 -28.45
C ARG A 50 -26.99 -0.22 -27.04
N LEU A 51 -27.86 -0.44 -26.06
CA LEU A 51 -27.41 -0.48 -24.66
C LEU A 51 -26.85 -1.86 -24.36
N ILE A 52 -25.56 -1.90 -24.02
CA ILE A 52 -24.86 -3.18 -23.86
C ILE A 52 -25.38 -3.92 -22.64
N SER A 53 -25.20 -5.24 -22.66
CA SER A 53 -25.50 -6.10 -21.52
C SER A 53 -24.25 -6.22 -20.67
N TYR A 54 -24.32 -5.77 -19.42
CA TYR A 54 -23.19 -5.85 -18.51
C TYR A 54 -23.69 -6.29 -17.13
N THR A 55 -22.85 -7.06 -16.44
CA THR A 55 -23.14 -7.58 -15.13
C THR A 55 -22.32 -6.85 -14.07
N LEU A 56 -22.89 -6.71 -12.89
CA LEU A 56 -22.21 -6.10 -11.75
C LEU A 56 -22.73 -6.76 -10.48
N PRO A 57 -22.03 -6.61 -9.37
CA PRO A 57 -22.54 -7.17 -8.11
C PRO A 57 -23.86 -6.52 -7.72
N ILE A 58 -24.78 -7.34 -7.21
CA ILE A 58 -26.18 -6.95 -7.07
C ILE A 58 -26.44 -6.47 -5.65
N ASN A 59 -27.17 -5.36 -5.54
CA ASN A 59 -27.55 -4.77 -4.26
C ASN A 59 -28.98 -4.28 -4.35
N THR A 60 -29.54 -3.91 -3.21
CA THR A 60 -30.89 -3.35 -3.13
C THR A 60 -30.88 -1.93 -2.59
N ARG A 61 -29.75 -1.24 -2.70
CA ARG A 61 -29.63 0.10 -2.15
C ARG A 61 -30.33 1.12 -3.04
N GLU A 62 -30.84 2.17 -2.40
CA GLU A 62 -31.61 3.22 -3.07
C GLU A 62 -31.10 4.58 -2.62
N GLY A 63 -31.48 5.61 -3.38
CA GLY A 63 -30.95 6.94 -3.15
C GLY A 63 -29.47 6.96 -3.36
N VAL A 64 -29.04 6.47 -4.52
CA VAL A 64 -27.64 6.17 -4.80
C VAL A 64 -27.28 6.71 -6.16
N CYS A 65 -26.05 7.20 -6.31
CA CYS A 65 -25.51 7.64 -7.58
C CYS A 65 -24.16 6.97 -7.81
N ILE A 66 -23.99 6.38 -8.99
CA ILE A 66 -22.75 5.74 -9.38
C ILE A 66 -21.88 6.75 -10.10
N THR A 67 -20.70 7.03 -9.55
CA THR A 67 -19.85 8.12 -10.03
C THR A 67 -18.42 7.66 -10.31
N ASP A 68 -17.51 8.62 -10.54
CA ASP A 68 -16.11 8.38 -10.90
C ASP A 68 -15.93 7.12 -11.73
N PRO A 69 -16.54 7.03 -12.91
CA PRO A 69 -16.52 5.78 -13.66
C PRO A 69 -15.16 5.50 -14.27
N LEU A 70 -15.04 4.29 -14.82
CA LEU A 70 -13.85 3.85 -15.53
C LEU A 70 -14.26 2.74 -16.50
N LEU A 71 -13.60 2.70 -17.65
CA LEU A 71 -13.82 1.65 -18.64
C LEU A 71 -12.52 1.43 -19.39
N ALA A 72 -12.12 0.17 -19.53
CA ALA A 72 -10.90 -0.17 -20.24
C ALA A 72 -11.11 -1.52 -20.93
N VAL A 73 -11.40 -1.48 -22.23
CA VAL A 73 -11.58 -2.69 -23.02
C VAL A 73 -10.26 -2.99 -23.72
N ASP A 74 -9.83 -4.26 -23.65
CA ASP A 74 -8.58 -4.68 -24.28
C ASP A 74 -8.64 -6.18 -24.51
N ASN A 75 -8.40 -6.59 -25.76
CA ASN A 75 -8.17 -8.01 -26.09
C ASN A 75 -9.35 -8.88 -25.66
N GLY A 76 -10.57 -8.37 -25.84
CA GLY A 76 -11.75 -9.12 -25.46
C GLY A 76 -12.01 -9.17 -23.96
N PHE A 77 -11.34 -8.31 -23.20
CA PHE A 77 -11.55 -8.18 -21.76
C PHE A 77 -11.92 -6.73 -21.46
N PHE A 78 -12.39 -6.50 -20.24
CA PHE A 78 -12.75 -5.15 -19.83
C PHE A 78 -12.40 -4.94 -18.37
N ALA A 79 -12.44 -3.68 -17.96
CA ALA A 79 -12.23 -3.28 -16.57
C ALA A 79 -13.16 -2.12 -16.27
N TYR A 80 -13.75 -2.14 -15.08
CA TYR A 80 -14.78 -1.18 -14.71
C TYR A 80 -14.63 -0.81 -13.24
N SER A 81 -14.72 0.48 -12.95
CA SER A 81 -14.69 0.98 -11.58
C SER A 81 -15.71 2.09 -11.41
N HIS A 82 -16.14 2.31 -10.18
CA HIS A 82 -17.09 3.37 -9.88
C HIS A 82 -17.05 3.66 -8.39
N LEU A 83 -17.59 4.82 -8.01
CA LEU A 83 -17.77 5.21 -6.63
C LEU A 83 -19.26 5.37 -6.37
N GLU A 84 -19.79 4.61 -5.43
CA GLU A 84 -21.20 4.66 -5.09
C GLU A 84 -21.40 5.64 -3.93
N LYS A 85 -22.40 6.52 -4.08
CA LYS A 85 -22.62 7.60 -3.14
C LYS A 85 -24.05 7.53 -2.63
N ILE A 86 -24.24 7.75 -1.32
CA ILE A 86 -25.56 7.75 -0.70
C ILE A 86 -26.02 9.21 -0.65
N GLY A 87 -26.66 9.65 -1.73
CA GLY A 87 -27.18 11.00 -1.78
C GLY A 87 -27.12 11.55 -3.19
N SER A 88 -26.51 12.73 -3.34
CA SER A 88 -26.32 13.31 -4.65
C SER A 88 -25.02 12.81 -5.25
N CYS A 89 -24.90 12.95 -6.57
CA CYS A 89 -23.68 12.56 -7.26
C CYS A 89 -22.51 13.48 -6.93
N THR A 90 -22.78 14.65 -6.33
CA THR A 90 -21.75 15.62 -5.98
C THR A 90 -21.47 15.68 -4.49
N ARG A 91 -22.52 15.70 -3.66
CA ARG A 91 -22.37 15.87 -2.22
C ARG A 91 -22.71 14.61 -1.42
N GLY A 92 -23.03 13.50 -2.10
CA GLY A 92 -23.32 12.28 -1.38
C GLY A 92 -22.12 11.75 -0.63
N ILE A 93 -22.40 10.92 0.36
CA ILE A 93 -21.37 10.28 1.16
C ILE A 93 -20.93 9.00 0.47
N ALA A 94 -19.62 8.80 0.38
CA ALA A 94 -19.09 7.62 -0.30
C ALA A 94 -19.51 6.35 0.43
N LYS A 95 -19.98 5.36 -0.33
CA LYS A 95 -20.44 4.10 0.22
C LYS A 95 -19.57 2.92 -0.20
N GLN A 96 -19.29 2.77 -1.49
CA GLN A 96 -18.60 1.58 -1.96
C GLN A 96 -17.89 1.89 -3.27
N ARG A 97 -16.59 1.62 -3.31
CA ARG A 97 -15.80 1.63 -4.53
C ARG A 97 -15.58 0.18 -4.95
N ILE A 98 -15.91 -0.13 -6.20
CA ILE A 98 -15.65 -1.46 -6.76
C ILE A 98 -14.80 -1.29 -8.00
N ILE A 99 -13.70 -2.04 -8.06
CA ILE A 99 -12.85 -2.14 -9.24
C ILE A 99 -13.00 -3.56 -9.76
N GLY A 100 -13.47 -3.70 -10.99
CA GLY A 100 -13.84 -4.99 -11.53
C GLY A 100 -13.31 -5.23 -12.92
N VAL A 101 -13.04 -6.50 -13.22
CA VAL A 101 -12.57 -6.93 -14.53
C VAL A 101 -13.48 -8.05 -15.03
N GLY A 102 -13.47 -8.25 -16.34
CA GLY A 102 -14.28 -9.29 -16.94
C GLY A 102 -13.96 -9.59 -18.38
N GLU A 103 -14.96 -10.06 -19.13
CA GLU A 103 -14.78 -10.50 -20.51
C GLU A 103 -15.89 -9.93 -21.38
N VAL A 104 -15.51 -9.40 -22.54
CA VAL A 104 -16.46 -9.02 -23.58
C VAL A 104 -16.62 -10.19 -24.52
N LEU A 105 -17.84 -10.41 -25.01
CA LEU A 105 -18.17 -11.66 -25.68
C LEU A 105 -19.25 -11.43 -26.72
N ASP A 106 -19.28 -12.32 -27.71
CA ASP A 106 -20.37 -12.43 -28.67
C ASP A 106 -21.04 -13.78 -28.49
N ARG A 107 -22.36 -13.78 -28.36
CA ARG A 107 -23.13 -14.99 -28.06
C ARG A 107 -24.07 -15.37 -29.21
N GLY A 108 -23.71 -15.01 -30.44
CA GLY A 108 -24.57 -15.23 -31.58
C GLY A 108 -25.56 -14.13 -31.85
N ASP A 109 -25.88 -13.31 -30.85
CA ASP A 109 -26.70 -12.13 -31.05
C ASP A 109 -25.97 -11.04 -31.82
N LYS A 110 -24.67 -11.22 -32.07
CA LYS A 110 -23.87 -10.24 -32.81
C LYS A 110 -24.03 -8.83 -32.24
N VAL A 111 -24.14 -8.77 -30.91
CA VAL A 111 -24.04 -7.51 -30.17
C VAL A 111 -23.16 -7.83 -28.96
N PRO A 112 -22.16 -7.01 -28.64
CA PRO A 112 -21.23 -7.40 -27.57
C PRO A 112 -21.91 -7.40 -26.21
N SER A 113 -21.53 -8.38 -25.38
CA SER A 113 -21.98 -8.48 -24.00
C SER A 113 -20.76 -8.46 -23.08
N MET A 114 -20.99 -8.04 -21.84
CA MET A 114 -19.94 -7.91 -20.85
C MET A 114 -20.29 -8.76 -19.62
N PHE A 115 -19.29 -9.48 -19.11
CA PHE A 115 -19.48 -10.38 -17.98
C PHE A 115 -18.34 -10.18 -17.00
N MET A 116 -18.66 -9.73 -15.79
CA MET A 116 -17.65 -9.46 -14.77
C MET A 116 -17.19 -10.77 -14.15
N THR A 117 -15.87 -10.93 -14.00
CA THR A 117 -15.29 -12.15 -13.47
C THR A 117 -14.60 -11.96 -12.12
N ASN A 118 -14.15 -10.75 -11.81
CA ASN A 118 -13.43 -10.48 -10.57
C ASN A 118 -13.78 -9.09 -10.07
N VAL A 119 -14.06 -8.98 -8.78
CA VAL A 119 -14.42 -7.72 -8.15
C VAL A 119 -13.56 -7.51 -6.91
N TRP A 120 -13.03 -6.30 -6.76
CA TRP A 120 -12.29 -5.92 -5.57
C TRP A 120 -12.93 -4.66 -4.99
N THR A 121 -13.11 -4.66 -3.67
CA THR A 121 -13.78 -3.56 -2.96
C THR A 121 -12.86 -3.03 -1.87
N PRO A 122 -12.12 -1.95 -2.10
CA PRO A 122 -11.19 -1.45 -1.08
C PRO A 122 -11.92 -1.16 0.23
N PRO A 123 -11.18 -1.08 1.34
CA PRO A 123 -11.85 -0.86 2.63
C PRO A 123 -12.41 0.54 2.79
N ASN A 124 -11.67 1.57 2.37
CA ASN A 124 -12.05 2.96 2.58
C ASN A 124 -12.47 3.59 1.25
N PRO A 125 -13.77 3.74 0.98
CA PRO A 125 -14.17 4.40 -0.27
C PRO A 125 -13.58 5.78 -0.44
N SER A 126 -13.47 6.56 0.64
CA SER A 126 -13.15 7.98 0.54
C SER A 126 -11.68 8.27 0.32
N THR A 127 -10.81 7.27 0.40
CA THR A 127 -9.39 7.50 0.16
C THR A 127 -8.97 7.21 -1.28
N ILE A 128 -9.73 6.40 -2.00
CA ILE A 128 -9.36 5.98 -3.35
C ILE A 128 -9.73 7.08 -4.33
N HIS A 129 -8.79 7.44 -5.21
CA HIS A 129 -8.96 8.54 -6.14
C HIS A 129 -8.26 8.21 -7.46
N HIS A 130 -8.69 8.92 -8.52
CA HIS A 130 -8.09 8.84 -9.85
C HIS A 130 -7.44 7.49 -10.15
N CYS A 131 -8.24 6.51 -10.52
CA CYS A 131 -7.76 5.17 -10.85
C CYS A 131 -7.48 5.07 -12.34
N SER A 132 -6.66 4.08 -12.69
CA SER A 132 -6.31 3.84 -14.08
C SER A 132 -5.94 2.36 -14.23
N SER A 133 -6.60 1.67 -15.16
CA SER A 133 -6.43 0.24 -15.33
C SER A 133 -5.72 -0.07 -16.64
N THR A 134 -4.74 -0.96 -16.59
CA THR A 134 -3.97 -1.38 -17.75
C THR A 134 -3.90 -2.90 -17.79
N TYR A 135 -4.01 -3.46 -19.00
CA TYR A 135 -4.04 -4.90 -19.20
C TYR A 135 -2.66 -5.44 -19.53
N HIS A 136 -2.37 -6.65 -19.03
CA HIS A 136 -1.14 -7.34 -19.37
C HIS A 136 -1.27 -8.81 -18.99
N GLU A 137 -0.81 -9.68 -19.88
CA GLU A 137 -0.89 -11.13 -19.67
C GLU A 137 -2.33 -11.52 -19.35
N ASP A 138 -2.58 -12.03 -18.15
CA ASP A 138 -3.91 -12.47 -17.73
C ASP A 138 -4.48 -11.58 -16.62
N PHE A 139 -3.99 -10.35 -16.50
CA PHE A 139 -4.32 -9.50 -15.36
C PHE A 139 -4.59 -8.08 -15.83
N TYR A 140 -5.41 -7.38 -15.05
CA TYR A 140 -5.60 -5.94 -15.19
C TYR A 140 -4.97 -5.26 -13.98
N TYR A 141 -3.95 -4.46 -14.22
CA TYR A 141 -3.29 -3.69 -13.17
C TYR A 141 -3.93 -2.31 -13.10
N THR A 142 -4.46 -1.95 -11.93
CA THR A 142 -5.16 -0.69 -11.75
C THR A 142 -4.45 0.10 -10.65
N LEU A 143 -3.84 1.22 -11.05
CA LEU A 143 -3.11 2.11 -10.14
C LEU A 143 -4.04 3.23 -9.70
N CYS A 144 -4.29 3.31 -8.40
CA CYS A 144 -5.16 4.33 -7.81
C CYS A 144 -4.34 5.21 -6.89
N ALA A 145 -4.95 6.31 -6.44
CA ALA A 145 -4.31 7.27 -5.55
C ALA A 145 -5.04 7.28 -4.22
N VAL A 146 -4.27 7.20 -3.13
CA VAL A 146 -4.81 7.23 -1.78
C VAL A 146 -4.62 8.62 -1.21
N SER A 147 -5.70 9.18 -0.65
CA SER A 147 -5.65 10.55 -0.12
C SER A 147 -6.59 10.66 1.07
N HIS A 148 -6.09 11.26 2.15
CA HIS A 148 -6.89 11.53 3.33
C HIS A 148 -7.24 13.01 3.47
N VAL A 149 -6.95 13.83 2.46
CA VAL A 149 -7.27 15.25 2.50
C VAL A 149 -8.46 15.56 1.59
N GLY A 150 -8.59 14.82 0.53
CA GLY A 150 -9.67 15.03 -0.42
C GLY A 150 -9.22 14.65 -1.83
N ASP A 151 -9.68 15.41 -2.83
CA ASP A 151 -9.18 15.22 -4.18
C ASP A 151 -7.74 15.74 -4.22
N PRO A 152 -6.75 14.90 -4.54
CA PRO A 152 -5.37 15.38 -4.53
C PRO A 152 -5.07 16.50 -5.52
N ILE A 153 -5.93 16.70 -6.52
CA ILE A 153 -5.71 17.80 -7.47
C ILE A 153 -6.22 19.12 -6.92
N LEU A 154 -7.13 19.09 -5.94
CA LEU A 154 -7.70 20.29 -5.35
C LEU A 154 -7.12 20.62 -3.99
N ASN A 155 -6.42 19.67 -3.36
CA ASN A 155 -5.68 19.89 -2.12
C ASN A 155 -4.21 19.52 -2.31
N SER A 156 -3.67 19.87 -3.48
CA SER A 156 -2.32 19.46 -3.86
C SER A 156 -1.31 19.63 -2.73
N THR A 157 -1.23 20.84 -2.16
CA THR A 157 -0.21 21.11 -1.15
C THR A 157 -0.42 20.26 0.11
N SER A 158 -1.68 20.01 0.47
CA SER A 158 -1.96 19.25 1.68
C SER A 158 -1.84 17.74 1.47
N TRP A 159 -1.93 17.26 0.23
CA TRP A 159 -1.92 15.84 -0.05
C TRP A 159 -0.50 15.29 0.03
N THR A 160 -0.33 14.18 0.74
CA THR A 160 0.92 13.43 0.78
C THR A 160 0.81 12.26 -0.20
N GLU A 161 1.79 12.15 -1.10
CA GLU A 161 1.70 11.18 -2.19
C GLU A 161 1.58 9.76 -1.66
N SER A 162 0.60 9.04 -2.20
CA SER A 162 0.39 7.64 -1.85
C SER A 162 -0.34 6.96 -3.01
N LEU A 163 0.22 5.86 -3.49
CA LEU A 163 -0.35 5.11 -4.60
C LEU A 163 -0.65 3.69 -4.17
N SER A 164 -1.44 3.00 -4.99
CA SER A 164 -1.82 1.62 -4.72
C SER A 164 -1.99 0.91 -6.06
N LEU A 165 -1.52 -0.33 -6.12
CA LEU A 165 -1.60 -1.14 -7.33
C LEU A 165 -2.34 -2.42 -6.99
N ILE A 166 -3.44 -2.66 -7.70
CA ILE A 166 -4.28 -3.84 -7.51
C ILE A 166 -4.19 -4.67 -8.79
N ARG A 167 -3.76 -5.92 -8.66
CA ARG A 167 -3.69 -6.84 -9.79
C ARG A 167 -4.86 -7.81 -9.70
N LEU A 168 -5.74 -7.79 -10.68
CA LEU A 168 -6.90 -8.66 -10.74
C LEU A 168 -6.81 -9.52 -11.99
N ALA A 169 -7.25 -10.78 -11.87
CA ALA A 169 -7.21 -11.72 -12.96
C ALA A 169 -8.53 -11.70 -13.73
N VAL A 170 -8.44 -11.69 -15.05
CA VAL A 170 -9.63 -11.67 -15.89
C VAL A 170 -10.27 -13.04 -16.04
N ARG A 171 -9.55 -14.10 -15.70
CA ARG A 171 -10.07 -15.48 -15.74
C ARG A 171 -9.72 -16.12 -14.40
N PRO A 172 -10.53 -15.88 -13.37
CA PRO A 172 -10.17 -16.34 -12.03
C PRO A 172 -10.17 -17.87 -11.93
N LYS A 173 -9.46 -18.34 -10.91
CA LYS A 173 -9.34 -19.75 -10.58
C LYS A 173 -9.79 -19.94 -9.14
N SER A 174 -9.66 -21.17 -8.64
CA SER A 174 -10.10 -21.52 -7.30
C SER A 174 -8.89 -21.84 -6.43
N ASP A 175 -8.79 -21.16 -5.29
CA ASP A 175 -7.79 -21.43 -4.26
C ASP A 175 -6.37 -21.12 -4.70
N SER A 176 -6.21 -20.30 -5.75
CA SER A 176 -4.88 -19.86 -6.17
C SER A 176 -4.51 -18.62 -5.35
N GLY A 177 -3.56 -18.79 -4.44
CA GLY A 177 -3.19 -17.71 -3.53
C GLY A 177 -2.56 -16.56 -4.27
N ASP A 178 -3.21 -15.39 -4.25
CA ASP A 178 -2.66 -14.15 -4.81
C ASP A 178 -2.45 -14.25 -6.32
N TYR A 179 -3.24 -15.09 -6.99
CA TYR A 179 -3.36 -15.04 -8.44
C TYR A 179 -4.60 -14.28 -8.87
N ASN A 180 -5.73 -14.52 -8.19
CA ASN A 180 -6.96 -13.80 -8.50
C ASN A 180 -6.84 -12.34 -8.08
N GLN A 181 -6.47 -12.08 -6.84
CA GLN A 181 -6.34 -10.73 -6.30
C GLN A 181 -5.01 -10.61 -5.58
N LYS A 182 -4.12 -9.79 -6.13
CA LYS A 182 -2.82 -9.48 -5.52
C LYS A 182 -2.73 -7.98 -5.30
N TYR A 183 -2.16 -7.58 -4.16
CA TYR A 183 -1.92 -6.18 -3.83
C TYR A 183 -0.42 -5.94 -3.96
N ILE A 184 -0.03 -5.15 -4.94
CA ILE A 184 1.38 -4.88 -5.22
C ILE A 184 1.80 -3.60 -4.51
N ALA A 185 2.97 -3.64 -3.89
CA ALA A 185 3.46 -2.55 -3.06
C ALA A 185 4.58 -1.82 -3.80
N ILE A 186 4.42 -0.51 -4.00
CA ILE A 186 5.44 0.27 -4.67
C ILE A 186 6.71 0.23 -3.83
N THR A 187 7.83 -0.05 -4.48
CA THR A 187 9.13 -0.06 -3.82
C THR A 187 9.88 1.25 -3.98
N LYS A 188 9.62 2.00 -5.05
CA LYS A 188 10.24 3.30 -5.24
C LYS A 188 9.49 4.03 -6.36
N VAL A 189 9.36 5.34 -6.21
CA VAL A 189 8.68 6.19 -7.18
C VAL A 189 9.68 7.23 -7.67
N GLU A 190 10.16 7.07 -8.89
CA GLU A 190 11.08 8.03 -9.50
C GLU A 190 10.25 9.15 -10.15
N ARG A 191 10.20 10.29 -9.49
CA ARG A 191 9.44 11.45 -9.98
C ARG A 191 10.31 12.46 -10.70
N GLY A 192 11.63 12.38 -10.55
CA GLY A 192 12.49 13.36 -11.16
C GLY A 192 12.36 14.71 -10.49
N LYS A 193 12.25 15.76 -11.31
CA LYS A 193 12.11 17.11 -10.78
C LYS A 193 10.75 17.36 -10.14
N TYR A 194 9.82 16.42 -10.26
CA TYR A 194 8.45 16.61 -9.78
C TYR A 194 8.32 16.21 -8.32
N ASP A 195 7.54 16.98 -7.57
CA ASP A 195 7.36 16.70 -6.15
C ASP A 195 6.44 15.51 -5.93
N LYS A 196 5.30 15.47 -6.64
CA LYS A 196 4.32 14.40 -6.51
C LYS A 196 3.91 13.91 -7.90
N VAL A 197 3.53 12.64 -7.97
CA VAL A 197 3.01 12.03 -9.19
C VAL A 197 1.79 11.20 -8.83
N MET A 198 0.89 11.02 -9.80
CA MET A 198 -0.43 10.48 -9.52
C MET A 198 -1.06 9.91 -10.78
N PRO A 199 -1.70 8.74 -10.72
CA PRO A 199 -2.47 8.28 -11.88
C PRO A 199 -3.59 9.26 -12.19
N TYR A 200 -3.74 9.60 -13.48
CA TYR A 200 -4.70 10.65 -13.86
C TYR A 200 -5.20 10.30 -15.27
N GLY A 201 -6.15 9.38 -15.32
CA GLY A 201 -6.68 8.87 -16.56
C GLY A 201 -7.31 7.50 -16.37
N PRO A 202 -8.09 7.02 -17.35
CA PRO A 202 -8.81 5.75 -17.15
C PRO A 202 -8.03 4.49 -17.50
N SER A 203 -7.15 4.52 -18.50
CA SER A 203 -6.48 3.30 -18.94
C SER A 203 -5.14 3.62 -19.58
N GLY A 204 -4.34 2.56 -19.79
CA GLY A 204 -3.02 2.70 -20.38
C GLY A 204 -2.67 1.54 -21.30
N ILE A 205 -1.40 1.46 -21.73
CA ILE A 205 -0.96 0.47 -22.70
C ILE A 205 0.06 -0.47 -22.09
N LYS A 206 0.47 -1.47 -22.89
CA LYS A 206 1.60 -2.34 -22.59
C LYS A 206 2.56 -2.32 -23.78
N GLN A 207 3.85 -2.41 -23.48
CA GLN A 207 4.89 -2.48 -24.52
C GLN A 207 5.88 -3.54 -24.06
N GLY A 208 5.62 -4.78 -24.45
CA GLY A 208 6.41 -5.90 -23.97
C GLY A 208 5.92 -6.36 -22.61
N ASP A 209 6.74 -6.17 -21.59
CA ASP A 209 6.37 -6.44 -20.21
C ASP A 209 6.48 -5.17 -19.35
N THR A 210 6.30 -4.02 -19.99
CA THR A 210 6.41 -2.72 -19.33
C THR A 210 5.10 -1.96 -19.55
N LEU A 211 4.47 -1.54 -18.45
CA LEU A 211 3.17 -0.89 -18.49
C LEU A 211 3.31 0.62 -18.38
N TYR A 212 2.44 1.35 -19.09
CA TYR A 212 2.46 2.80 -19.12
C TYR A 212 1.07 3.32 -18.79
N PHE A 213 0.91 3.92 -17.56
CA PHE A 213 -0.35 4.49 -17.08
C PHE A 213 -0.43 5.98 -17.40
N PRO A 214 -1.61 6.53 -17.67
CA PRO A 214 -1.73 7.99 -17.70
C PRO A 214 -1.52 8.58 -16.31
N ALA A 215 -0.80 9.69 -16.25
CA ALA A 215 -0.38 10.26 -14.98
C ALA A 215 -0.29 11.77 -15.10
N VAL A 216 0.03 12.42 -13.97
CA VAL A 216 0.24 13.87 -13.91
C VAL A 216 1.32 14.15 -12.88
N GLY A 217 2.08 15.21 -13.12
CA GLY A 217 3.16 15.59 -12.23
C GLY A 217 2.91 16.95 -11.59
N PHE A 218 3.36 17.08 -10.34
CA PHE A 218 3.16 18.29 -9.53
C PHE A 218 4.51 19.00 -9.40
N LEU A 219 4.77 19.95 -10.31
CA LEU A 219 6.01 20.74 -10.27
C LEU A 219 5.73 22.12 -9.71
N PRO A 220 6.51 22.62 -8.76
CA PRO A 220 6.25 23.97 -8.23
C PRO A 220 6.33 25.03 -9.33
N ARG A 221 5.46 26.04 -9.22
CA ARG A 221 5.46 27.12 -10.20
C ARG A 221 6.84 27.74 -10.35
N THR A 222 7.55 27.91 -9.23
CA THR A 222 8.86 28.58 -9.29
C THR A 222 9.87 27.77 -10.08
N GLU A 223 9.70 26.45 -10.14
CA GLU A 223 10.61 25.57 -10.87
C GLU A 223 10.20 25.36 -12.31
N PHE A 224 9.16 26.03 -12.78
CA PHE A 224 8.59 25.78 -14.10
C PHE A 224 9.28 26.65 -15.15
N GLN A 225 9.84 26.01 -16.16
CA GLN A 225 10.57 26.69 -17.23
C GLN A 225 9.63 26.89 -18.43
N TYR A 226 9.17 28.13 -18.61
CA TYR A 226 8.33 28.49 -19.74
C TYR A 226 8.71 29.88 -20.23
N ASN A 227 8.90 30.01 -21.53
CA ASN A 227 9.10 31.31 -22.17
C ASN A 227 7.75 31.79 -22.70
N ASP A 228 7.28 32.92 -22.18
CA ASP A 228 6.00 33.47 -22.62
C ASP A 228 6.03 33.89 -24.08
N SER A 229 7.21 34.02 -24.69
CA SER A 229 7.28 34.29 -26.12
C SER A 229 6.74 33.14 -26.97
N ASN A 230 6.47 31.99 -26.37
CA ASN A 230 5.92 30.84 -27.06
C ASN A 230 4.42 30.64 -26.79
N CYS A 231 3.76 31.64 -26.22
CA CYS A 231 2.33 31.57 -25.98
C CYS A 231 1.60 32.12 -27.20
N PRO A 232 0.74 31.33 -27.86
CA PRO A 232 0.18 31.78 -29.14
C PRO A 232 -0.87 32.87 -29.01
N ILE A 233 -0.42 34.11 -28.81
CA ILE A 233 -1.31 35.26 -28.73
C ILE A 233 -1.03 36.18 -29.90
N ILE A 234 -0.57 35.61 -31.02
CA ILE A 234 -0.24 36.36 -32.22
C ILE A 234 -1.45 36.41 -33.14
N HIS A 235 -2.59 35.95 -32.64
CA HIS A 235 -3.86 36.04 -33.38
C HIS A 235 -5.00 36.40 -32.43
N CYS A 236 -4.67 36.90 -31.23
CA CYS A 236 -5.63 37.14 -30.18
C CYS A 236 -5.44 38.55 -29.64
N LYS A 237 -6.54 39.20 -29.29
CA LYS A 237 -6.50 40.61 -28.87
C LYS A 237 -6.28 40.72 -27.37
N TYR A 238 -7.30 40.36 -26.59
CA TYR A 238 -7.26 40.46 -25.14
C TYR A 238 -6.57 39.28 -24.49
N SER A 239 -5.69 38.59 -25.21
CA SER A 239 -4.93 37.48 -24.69
C SER A 239 -3.52 37.95 -24.40
N LYS A 240 -3.10 37.82 -23.15
CA LYS A 240 -1.77 38.22 -22.72
C LYS A 240 -0.81 37.05 -22.94
N ALA A 241 0.47 37.38 -23.12
CA ALA A 241 1.47 36.34 -23.26
C ALA A 241 1.62 35.52 -21.99
N GLU A 242 1.26 36.08 -20.83
CA GLU A 242 1.36 35.36 -19.57
C GLU A 242 0.25 34.35 -19.37
N ASN A 243 -0.76 34.33 -20.25
CA ASN A 243 -1.94 33.51 -19.99
C ASN A 243 -1.62 32.02 -20.05
N CYS A 244 -0.77 31.62 -20.99
CA CYS A 244 -0.42 30.20 -21.11
C CYS A 244 0.18 29.68 -19.80
N ARG A 245 1.27 30.30 -19.35
CA ARG A 245 1.93 29.88 -18.13
C ARG A 245 0.96 29.84 -16.96
N LEU A 246 0.30 30.97 -16.69
CA LEU A 246 -0.59 31.07 -15.54
C LEU A 246 -1.73 30.05 -15.61
N SER A 247 -2.06 29.56 -16.80
CA SER A 247 -3.10 28.56 -16.98
C SER A 247 -2.57 27.14 -16.89
N MET A 248 -1.32 26.95 -16.48
CA MET A 248 -0.75 25.62 -16.27
C MET A 248 -0.95 25.13 -14.84
N GLY A 249 -1.68 25.88 -14.02
CA GLY A 249 -2.12 25.39 -12.73
C GLY A 249 -3.61 25.62 -12.57
N VAL A 250 -4.18 24.98 -11.54
CA VAL A 250 -5.61 25.10 -11.31
C VAL A 250 -6.02 26.56 -11.24
N ASN A 251 -5.25 27.37 -10.52
CA ASN A 251 -5.45 28.82 -10.48
C ASN A 251 -4.12 29.51 -10.76
N SER A 252 -4.21 30.81 -11.06
CA SER A 252 -3.04 31.56 -11.51
C SER A 252 -1.98 31.67 -10.43
N LYS A 253 -2.41 31.76 -9.16
CA LYS A 253 -1.49 31.84 -8.03
C LYS A 253 -1.32 30.50 -7.34
N SER A 254 -1.41 29.41 -8.10
CA SER A 254 -1.23 28.09 -7.53
C SER A 254 0.24 27.86 -7.16
N HIS A 255 0.44 26.94 -6.20
CA HIS A 255 1.80 26.58 -5.80
C HIS A 255 2.45 25.59 -6.75
N TYR A 256 1.65 24.84 -7.50
CA TYR A 256 2.15 23.86 -8.46
C TYR A 256 1.55 24.13 -9.83
N ILE A 257 2.27 23.70 -10.86
CA ILE A 257 1.68 23.47 -12.17
C ILE A 257 1.39 21.98 -12.28
N LEU A 258 0.56 21.62 -13.25
CA LEU A 258 0.21 20.23 -13.51
C LEU A 258 0.62 19.87 -14.93
N ARG A 259 1.36 18.77 -15.06
CA ARG A 259 1.92 18.34 -16.33
C ARG A 259 1.55 16.87 -16.56
N SER A 260 0.76 16.60 -17.59
CA SER A 260 0.36 15.23 -17.89
C SER A 260 1.54 14.44 -18.43
N GLY A 261 1.50 13.12 -18.21
CA GLY A 261 2.60 12.26 -18.62
C GLY A 261 2.27 10.79 -18.47
N LEU A 262 3.28 9.98 -18.16
CA LEU A 262 3.13 8.53 -18.08
C LEU A 262 3.86 8.01 -16.85
N LEU A 263 3.31 6.94 -16.27
CA LEU A 263 3.93 6.24 -15.15
C LEU A 263 4.32 4.84 -15.62
N LYS A 264 5.62 4.56 -15.58
CA LYS A 264 6.19 3.34 -16.15
C LYS A 264 6.38 2.30 -15.07
N TYR A 265 5.90 1.08 -15.32
CA TYR A 265 5.96 -0.04 -14.38
C TYR A 265 6.52 -1.24 -15.15
N ASN A 266 7.84 -1.40 -15.08
CA ASN A 266 8.54 -2.50 -15.74
C ASN A 266 8.31 -3.78 -14.93
N LEU A 267 7.51 -4.69 -15.46
CA LEU A 267 7.18 -5.93 -14.77
C LEU A 267 8.33 -6.95 -14.79
N SER A 268 9.32 -6.75 -15.65
CA SER A 268 10.45 -7.67 -15.75
C SER A 268 11.59 -7.29 -14.82
N LEU A 269 11.36 -6.36 -13.89
CA LEU A 269 12.40 -5.81 -13.03
C LEU A 269 12.39 -6.48 -11.65
N GLY A 270 12.15 -7.78 -11.61
CA GLY A 270 12.16 -8.51 -10.35
C GLY A 270 11.09 -8.03 -9.39
N GLY A 271 11.35 -8.21 -8.10
CA GLY A 271 10.46 -7.79 -7.04
C GLY A 271 10.52 -6.34 -6.68
N ASP A 272 11.25 -5.54 -7.46
CA ASP A 272 11.30 -4.08 -7.26
C ASP A 272 10.22 -3.47 -8.14
N ILE A 273 9.10 -3.10 -7.52
CA ILE A 273 7.97 -2.51 -8.25
C ILE A 273 8.24 -1.00 -8.28
N ILE A 274 9.00 -0.57 -9.29
CA ILE A 274 9.43 0.80 -9.44
C ILE A 274 8.52 1.50 -10.44
N LEU A 275 8.03 2.68 -10.08
CA LEU A 275 7.26 3.52 -10.98
C LEU A 275 8.12 4.71 -11.41
N GLN A 276 8.10 5.01 -12.70
CA GLN A 276 8.92 6.06 -13.29
C GLN A 276 8.01 7.02 -14.05
N PHE A 277 8.19 8.32 -13.82
CA PHE A 277 7.37 9.33 -14.47
C PHE A 277 8.01 9.81 -15.77
N ILE A 278 7.17 9.96 -16.80
CA ILE A 278 7.59 10.42 -18.12
C ILE A 278 6.65 11.56 -18.51
N GLU A 279 7.18 12.78 -18.51
CA GLU A 279 6.38 13.97 -18.80
C GLU A 279 6.13 14.11 -20.29
N ILE A 280 5.02 14.78 -20.63
CA ILE A 280 4.71 15.07 -22.02
C ILE A 280 5.50 16.29 -22.48
N ALA A 281 5.64 16.43 -23.79
CA ALA A 281 6.47 17.48 -24.37
C ALA A 281 5.68 18.79 -24.47
N ASP A 282 6.36 19.84 -24.93
CA ASP A 282 5.76 21.16 -25.02
C ASP A 282 4.89 21.35 -26.27
N ASN A 283 4.97 20.45 -27.24
CA ASN A 283 4.12 20.54 -28.42
C ASN A 283 2.65 20.60 -28.03
N ARG A 284 2.04 21.77 -28.17
CA ARG A 284 0.65 21.99 -27.78
C ARG A 284 0.42 21.62 -26.31
N LEU A 285 1.09 22.38 -25.44
CA LEU A 285 1.11 22.07 -24.01
C LEU A 285 -0.08 22.71 -23.32
N THR A 286 -0.75 21.93 -22.47
CA THR A 286 -1.87 22.39 -21.68
C THR A 286 -1.76 21.78 -20.29
N ILE A 287 -2.47 22.37 -19.33
CA ILE A 287 -2.44 21.91 -17.95
C ILE A 287 -2.62 20.40 -17.90
N GLY A 288 -2.03 19.76 -16.90
CA GLY A 288 -2.23 18.34 -16.68
C GLY A 288 -3.69 18.00 -16.49
N SER A 289 -4.21 17.15 -17.36
CA SER A 289 -5.61 16.75 -17.37
C SER A 289 -5.71 15.24 -17.43
N PRO A 290 -6.90 14.68 -17.21
CA PRO A 290 -7.07 13.24 -17.38
C PRO A 290 -6.89 12.85 -18.85
N SER A 291 -5.99 11.90 -19.08
CA SER A 291 -5.63 11.46 -20.42
C SER A 291 -5.76 9.95 -20.50
N LYS A 292 -5.58 9.42 -21.72
CA LYS A 292 -5.69 7.98 -21.93
C LYS A 292 -4.83 7.59 -23.12
N ILE A 293 -3.88 6.69 -22.89
CA ILE A 293 -3.03 6.13 -23.95
C ILE A 293 -3.57 4.76 -24.32
N TYR A 294 -3.67 4.49 -25.61
CA TYR A 294 -4.21 3.23 -26.08
C TYR A 294 -3.52 2.82 -27.37
N ASN A 295 -3.59 1.53 -27.67
CA ASN A 295 -3.01 0.96 -28.88
C ASN A 295 -4.12 0.68 -29.89
N SER A 296 -3.87 1.07 -31.15
CA SER A 296 -4.85 0.85 -32.22
C SER A 296 -4.11 0.63 -33.53
N LEU A 297 -4.51 -0.42 -34.26
CA LEU A 297 -3.96 -0.72 -35.58
C LEU A 297 -2.43 -0.68 -35.57
N GLY A 298 -1.83 -1.11 -34.46
CA GLY A 298 -0.38 -1.22 -34.39
C GLY A 298 0.27 -0.29 -33.38
N GLN A 299 0.32 1.00 -33.70
CA GLN A 299 1.04 1.97 -32.90
C GLN A 299 0.16 2.52 -31.78
N PRO A 300 0.74 3.25 -30.83
CA PRO A 300 -0.07 3.84 -29.76
C PRO A 300 -0.69 5.16 -30.17
N VAL A 301 -1.73 5.54 -29.43
CA VAL A 301 -2.40 6.82 -29.58
C VAL A 301 -2.55 7.44 -28.20
N PHE A 302 -2.72 8.76 -28.18
CA PHE A 302 -2.84 9.51 -26.94
C PHE A 302 -4.00 10.49 -27.05
N TYR A 303 -4.84 10.54 -26.01
CA TYR A 303 -5.86 11.55 -25.87
C TYR A 303 -5.63 12.31 -24.57
N GLN A 304 -5.69 13.63 -24.63
CA GLN A 304 -5.58 14.48 -23.45
C GLN A 304 -6.81 15.36 -23.37
N ALA A 305 -7.53 15.28 -22.25
CA ALA A 305 -8.70 16.12 -22.06
C ALA A 305 -8.33 17.59 -22.16
N SER A 306 -9.22 18.36 -22.78
CA SER A 306 -9.01 19.80 -22.93
C SER A 306 -9.63 20.49 -21.72
N TYR A 307 -8.81 20.72 -20.70
CA TYR A 307 -9.25 21.31 -19.44
C TYR A 307 -8.88 22.78 -19.33
N SER A 308 -8.55 23.43 -20.44
CA SER A 308 -8.12 24.82 -20.42
C SER A 308 -8.59 25.56 -21.67
N TRP A 309 -7.72 26.33 -22.30
CA TRP A 309 -8.11 27.21 -23.41
C TRP A 309 -7.99 26.56 -24.78
N ASP A 310 -7.21 25.48 -24.91
CA ASP A 310 -7.18 24.71 -26.16
C ASP A 310 -8.36 23.74 -26.14
N THR A 311 -9.55 24.29 -26.44
CA THR A 311 -10.78 23.52 -26.30
C THR A 311 -10.94 22.45 -27.37
N MET A 312 -10.27 22.60 -28.51
CA MET A 312 -10.38 21.60 -29.56
C MET A 312 -9.70 20.30 -29.12
N ILE A 313 -10.23 19.18 -29.61
CA ILE A 313 -9.79 17.86 -29.15
C ILE A 313 -8.28 17.73 -29.29
N LYS A 314 -7.65 17.13 -28.28
CA LYS A 314 -6.23 16.81 -28.29
C LYS A 314 -6.10 15.29 -28.44
N LEU A 315 -5.64 14.87 -29.62
CA LEU A 315 -5.59 13.46 -29.97
C LEU A 315 -4.51 13.29 -31.02
N GLY A 316 -3.78 12.18 -30.94
CA GLY A 316 -2.74 11.93 -31.91
C GLY A 316 -1.90 10.70 -31.65
N ASP A 317 -1.21 10.22 -32.68
CA ASP A 317 -0.32 9.07 -32.52
C ASP A 317 0.87 9.46 -31.65
N VAL A 318 1.18 8.62 -30.67
CA VAL A 318 2.40 8.78 -29.90
C VAL A 318 3.60 8.56 -30.81
N ASP A 319 4.39 9.61 -31.01
CA ASP A 319 5.63 9.45 -31.78
C ASP A 319 6.63 8.61 -31.01
N THR A 320 6.96 9.04 -29.80
CA THR A 320 7.84 8.31 -28.91
C THR A 320 7.13 8.10 -27.58
N VAL A 321 7.24 6.90 -27.03
CA VAL A 321 6.64 6.63 -25.73
C VAL A 321 7.54 7.15 -24.60
N ASP A 322 8.85 7.12 -24.81
CA ASP A 322 9.80 7.66 -23.84
C ASP A 322 10.99 8.24 -24.59
N PRO A 323 11.15 9.57 -24.64
CA PRO A 323 10.28 10.62 -24.10
C PRO A 323 8.92 10.68 -24.79
N LEU A 324 7.89 11.13 -24.08
CA LEU A 324 6.54 11.15 -24.62
C LEU A 324 6.37 12.33 -25.56
N ARG A 325 6.03 12.04 -26.82
CA ARG A 325 5.74 13.07 -27.81
C ARG A 325 4.56 12.62 -28.64
N VAL A 326 3.52 13.45 -28.70
CA VAL A 326 2.26 13.11 -29.35
C VAL A 326 2.11 13.98 -30.60
N GLN A 327 1.70 13.34 -31.70
CA GLN A 327 1.50 14.03 -32.98
C GLN A 327 0.04 14.45 -33.05
N TRP A 328 -0.28 15.53 -32.34
CA TRP A 328 -1.66 15.97 -32.20
C TRP A 328 -2.29 16.24 -33.57
N ARG A 329 -3.58 15.93 -33.70
CA ARG A 329 -4.28 16.09 -34.97
C ARG A 329 -4.70 17.53 -35.19
N ASN A 330 -4.64 17.97 -36.45
CA ASN A 330 -5.16 19.28 -36.82
C ASN A 330 -6.69 19.28 -36.76
N ASN A 331 -7.28 19.01 -35.59
CA ASN A 331 -8.72 18.84 -35.49
C ASN A 331 -9.44 20.18 -35.32
N SER A 332 -10.49 20.38 -36.11
CA SER A 332 -11.20 21.66 -36.13
C SER A 332 -12.71 21.51 -35.99
N VAL A 333 -13.20 20.32 -35.62
CA VAL A 333 -14.65 20.08 -35.61
C VAL A 333 -15.14 19.68 -34.23
N ILE A 334 -14.30 19.00 -33.44
CA ILE A 334 -14.71 18.43 -32.17
C ILE A 334 -14.05 19.22 -31.04
N SER A 335 -14.87 19.63 -30.06
CA SER A 335 -14.40 20.36 -28.90
C SER A 335 -15.04 19.81 -27.63
N ARG A 336 -15.18 20.64 -26.60
CA ARG A 336 -15.75 20.23 -25.33
C ARG A 336 -16.50 21.41 -24.74
N PRO A 337 -17.46 21.16 -23.84
CA PRO A 337 -18.14 22.27 -23.18
C PRO A 337 -17.25 22.94 -22.14
N GLY A 338 -17.44 24.25 -21.98
CA GLY A 338 -16.74 25.01 -20.97
C GLY A 338 -17.71 25.82 -20.13
N GLN A 339 -17.21 26.85 -19.44
CA GLN A 339 -18.08 27.72 -18.65
C GLN A 339 -18.01 29.12 -19.28
N SER A 340 -17.58 30.13 -18.56
CA SER A 340 -17.65 31.51 -19.02
C SER A 340 -16.36 31.98 -19.69
N GLN A 341 -15.21 31.74 -19.05
CA GLN A 341 -13.96 32.26 -19.58
C GLN A 341 -13.48 31.49 -20.81
N CYS A 342 -13.64 30.16 -20.81
CA CYS A 342 -13.15 29.31 -21.89
C CYS A 342 -14.27 28.39 -22.35
N PRO A 343 -15.19 28.88 -23.18
CA PRO A 343 -16.28 28.06 -23.66
C PRO A 343 -15.83 27.17 -24.81
N ARG A 344 -16.78 26.40 -25.35
CA ARG A 344 -16.49 25.52 -26.47
C ARG A 344 -16.02 26.33 -27.67
N PHE A 345 -15.09 25.75 -28.43
CA PHE A 345 -14.52 26.36 -29.63
C PHE A 345 -13.67 27.59 -29.33
N ASN A 346 -13.16 27.71 -28.11
CA ASN A 346 -12.23 28.78 -27.76
C ASN A 346 -10.80 28.28 -27.99
N VAL A 347 -9.98 29.09 -28.62
CA VAL A 347 -8.62 28.68 -28.99
C VAL A 347 -7.61 29.71 -28.48
N CYS A 348 -8.10 30.87 -28.04
CA CYS A 348 -7.18 31.92 -27.64
C CYS A 348 -6.82 31.80 -26.16
N PRO A 349 -5.55 31.96 -25.79
CA PRO A 349 -5.15 31.70 -24.40
C PRO A 349 -5.94 32.52 -23.39
N GLU A 350 -6.35 31.86 -22.32
CA GLU A 350 -6.99 32.48 -21.17
C GLU A 350 -6.62 31.67 -19.94
N VAL A 351 -6.79 32.28 -18.77
CA VAL A 351 -6.55 31.61 -17.50
C VAL A 351 -7.86 30.94 -17.09
N CYS A 352 -7.98 29.65 -17.39
CA CYS A 352 -9.19 28.90 -17.08
C CYS A 352 -8.82 27.48 -16.70
N TRP A 353 -9.74 26.82 -15.97
CA TRP A 353 -9.65 25.40 -15.67
C TRP A 353 -11.08 24.85 -15.77
N GLU A 354 -11.54 24.69 -17.01
CA GLU A 354 -12.87 24.14 -17.29
C GLU A 354 -12.75 23.10 -18.40
N GLY A 355 -13.71 22.18 -18.42
CA GLY A 355 -13.77 21.19 -19.46
C GLY A 355 -14.21 19.82 -18.99
N THR A 356 -14.41 18.90 -19.93
CA THR A 356 -14.83 17.55 -19.63
C THR A 356 -13.96 16.57 -20.41
N TYR A 357 -13.75 15.40 -19.82
CA TYR A 357 -13.00 14.32 -20.48
C TYR A 357 -13.97 13.56 -21.37
N ASN A 358 -13.89 13.80 -22.68
CA ASN A 358 -14.60 13.01 -23.68
C ASN A 358 -13.58 12.54 -24.71
N ASP A 359 -13.22 11.27 -24.66
CA ASP A 359 -12.12 10.75 -25.46
C ASP A 359 -12.62 10.17 -26.78
N ALA A 360 -11.68 9.76 -27.64
CA ALA A 360 -12.00 9.24 -28.96
C ALA A 360 -10.99 8.16 -29.32
N PHE A 361 -11.42 7.23 -30.17
CA PHE A 361 -10.65 6.02 -30.49
C PHE A 361 -10.42 5.95 -31.99
N LEU A 362 -9.15 5.93 -32.39
CA LEU A 362 -8.80 5.73 -33.79
C LEU A 362 -9.33 4.40 -34.30
N ILE A 363 -9.98 4.43 -35.47
CA ILE A 363 -10.48 3.23 -36.11
C ILE A 363 -9.99 3.07 -37.54
N ASP A 364 -9.18 3.99 -38.04
CA ASP A 364 -8.64 3.93 -39.40
C ASP A 364 -7.52 4.95 -39.55
N ARG A 365 -6.27 4.48 -39.62
CA ARG A 365 -5.14 5.40 -39.56
C ARG A 365 -4.86 6.08 -40.89
N LEU A 366 -5.23 5.46 -42.02
CA LEU A 366 -4.95 6.04 -43.33
C LEU A 366 -5.90 7.18 -43.68
N ASN A 367 -7.06 7.25 -43.05
CA ASN A 367 -7.97 8.38 -43.19
C ASN A 367 -8.15 9.09 -41.85
N TRP A 368 -7.35 8.73 -40.85
CA TRP A 368 -7.50 9.17 -39.46
C TRP A 368 -8.94 9.44 -39.10
N VAL A 369 -9.76 8.40 -39.16
CA VAL A 369 -11.13 8.44 -38.69
C VAL A 369 -11.17 7.93 -37.26
N SER A 370 -11.76 8.71 -36.36
CA SER A 370 -11.94 8.34 -34.97
C SER A 370 -13.42 8.26 -34.64
N ALA A 371 -13.73 7.67 -33.49
CA ALA A 371 -15.10 7.51 -33.04
C ALA A 371 -15.16 7.77 -31.54
N GLY A 372 -16.16 8.54 -31.12
CA GLY A 372 -16.27 8.88 -29.70
C GLY A 372 -17.53 9.65 -29.44
N VAL A 373 -17.72 9.98 -28.15
CA VAL A 373 -18.89 10.70 -27.67
C VAL A 373 -18.47 12.11 -27.32
N TYR A 374 -19.25 13.09 -27.77
CA TYR A 374 -19.01 14.49 -27.42
C TYR A 374 -20.32 15.10 -26.94
N LEU A 375 -20.19 16.23 -26.24
CA LEU A 375 -21.31 16.91 -25.63
C LEU A 375 -21.66 18.14 -26.48
N ASN A 376 -22.84 18.12 -27.09
CA ASN A 376 -23.23 19.15 -28.06
C ASN A 376 -23.93 20.31 -27.35
N SER A 377 -23.16 21.00 -26.51
CA SER A 377 -23.59 22.25 -25.89
C SER A 377 -22.35 23.10 -25.67
N ASN A 378 -22.53 24.42 -25.78
CA ASN A 378 -21.38 25.33 -25.68
C ASN A 378 -20.86 25.42 -24.25
N GLN A 379 -21.75 25.62 -23.28
CA GLN A 379 -21.36 25.96 -21.92
C GLN A 379 -21.86 25.01 -20.86
N THR A 380 -22.76 24.08 -21.17
CA THR A 380 -23.28 23.13 -20.21
C THR A 380 -22.94 21.71 -20.64
N ALA A 381 -22.89 20.81 -19.67
CA ALA A 381 -22.55 19.40 -19.91
C ALA A 381 -23.84 18.68 -20.26
N GLU A 382 -24.19 18.70 -21.55
CA GLU A 382 -25.47 18.18 -22.01
C GLU A 382 -25.30 17.51 -23.37
N ASN A 383 -26.37 16.88 -23.83
CA ASN A 383 -26.48 16.35 -25.19
C ASN A 383 -25.29 15.49 -25.59
N PRO A 384 -25.27 14.21 -25.18
CA PRO A 384 -24.23 13.30 -25.69
C PRO A 384 -24.51 12.88 -27.12
N VAL A 385 -23.45 12.87 -27.94
CA VAL A 385 -23.56 12.56 -29.36
C VAL A 385 -22.39 11.66 -29.74
N PHE A 386 -22.69 10.44 -30.21
CA PHE A 386 -21.68 9.54 -30.73
C PHE A 386 -21.40 9.88 -32.19
N ALA A 387 -20.18 10.33 -32.49
CA ALA A 387 -19.82 10.79 -33.81
C ALA A 387 -18.59 10.03 -34.31
N VAL A 388 -18.61 9.68 -35.60
CA VAL A 388 -17.46 9.10 -36.28
C VAL A 388 -16.88 10.21 -37.15
N PHE A 389 -15.84 10.86 -36.66
CA PHE A 389 -15.40 12.15 -37.16
C PHE A 389 -13.99 12.07 -37.72
N LYS A 390 -13.58 13.14 -38.40
CA LYS A 390 -12.27 13.28 -39.00
C LYS A 390 -11.66 14.60 -38.53
N ASP A 391 -10.46 14.90 -39.02
CA ASP A 391 -9.77 16.12 -38.58
C ASP A 391 -10.49 17.38 -39.00
N ASN A 392 -11.34 17.33 -40.04
CA ASN A 392 -12.07 18.51 -40.48
C ASN A 392 -13.48 18.14 -40.95
N GLU A 393 -14.05 17.09 -40.40
CA GLU A 393 -15.32 16.59 -40.90
C GLU A 393 -15.93 15.53 -39.98
N ILE A 394 -17.14 15.77 -39.50
CA ILE A 394 -17.90 14.75 -38.79
C ILE A 394 -18.73 14.00 -39.83
N LEU A 395 -18.32 12.75 -40.12
CA LEU A 395 -18.95 12.01 -41.20
C LEU A 395 -20.39 11.62 -40.86
N TYR A 396 -20.57 10.87 -39.78
CA TYR A 396 -21.90 10.52 -39.30
C TYR A 396 -21.90 10.53 -37.78
N GLN A 397 -22.96 11.08 -37.20
CA GLN A 397 -23.15 11.12 -35.75
C GLN A 397 -24.54 10.63 -35.43
N VAL A 398 -24.78 10.37 -34.14
CA VAL A 398 -26.07 9.91 -33.68
C VAL A 398 -26.26 10.36 -32.23
N PRO A 399 -27.36 11.04 -31.89
CA PRO A 399 -27.60 11.37 -30.50
C PRO A 399 -27.80 10.11 -29.66
N LEU A 400 -27.18 10.07 -28.49
CA LEU A 400 -27.34 8.95 -27.58
C LEU A 400 -28.46 9.18 -26.57
N ALA A 401 -28.91 10.42 -26.40
CA ALA A 401 -30.05 10.72 -25.55
C ALA A 401 -30.82 11.89 -26.12
N GLU A 402 -31.39 12.73 -25.27
CA GLU A 402 -32.11 13.92 -25.71
C GLU A 402 -31.20 15.14 -25.63
N ASP A 403 -31.73 16.29 -26.04
CA ASP A 403 -30.90 17.48 -26.19
C ASP A 403 -30.55 18.13 -24.85
N ASP A 404 -31.45 18.05 -23.86
CA ASP A 404 -31.20 18.61 -22.53
C ASP A 404 -30.91 17.52 -21.50
N THR A 405 -30.30 16.42 -21.95
CA THR A 405 -29.89 15.34 -21.06
C THR A 405 -28.49 15.64 -20.52
N ASN A 406 -28.37 15.70 -19.20
CA ASN A 406 -27.08 16.03 -18.59
C ASN A 406 -26.14 14.83 -18.69
N ALA A 407 -24.94 15.09 -19.21
CA ALA A 407 -23.92 14.05 -19.33
C ALA A 407 -22.55 14.69 -19.15
N GLN A 408 -21.61 13.92 -18.61
CA GLN A 408 -20.26 14.44 -18.35
C GLN A 408 -19.18 13.57 -18.97
N LYS A 409 -18.49 12.74 -18.16
CA LYS A 409 -17.31 12.03 -18.63
C LYS A 409 -17.71 10.87 -19.53
N THR A 410 -17.03 10.76 -20.68
CA THR A 410 -17.22 9.65 -21.59
C THR A 410 -15.89 8.95 -21.83
N ILE A 411 -15.92 7.62 -21.83
CA ILE A 411 -14.75 6.79 -22.10
C ILE A 411 -15.17 5.80 -23.19
N THR A 412 -14.55 5.90 -24.36
CA THR A 412 -14.90 5.07 -25.51
C THR A 412 -13.71 4.22 -25.92
N ASP A 413 -13.92 2.90 -25.99
CA ASP A 413 -12.94 1.96 -26.51
C ASP A 413 -13.59 1.14 -27.62
N CYS A 414 -12.87 0.95 -28.72
CA CYS A 414 -13.38 0.20 -29.87
C CYS A 414 -12.50 -1.01 -30.15
N PHE A 415 -13.07 -1.98 -30.85
CA PHE A 415 -12.40 -3.25 -31.11
C PHE A 415 -13.03 -3.88 -32.34
N LEU A 416 -12.43 -4.97 -32.81
CA LEU A 416 -12.86 -5.67 -34.02
C LEU A 416 -13.40 -7.04 -33.63
N LEU A 417 -14.71 -7.23 -33.78
CA LEU A 417 -15.37 -8.51 -33.55
C LEU A 417 -15.62 -9.13 -34.91
N GLU A 418 -14.95 -10.24 -35.19
CA GLU A 418 -14.95 -10.84 -36.52
C GLU A 418 -14.37 -9.83 -37.50
N ASN A 419 -15.20 -9.21 -38.35
CA ASN A 419 -14.72 -8.17 -39.26
C ASN A 419 -15.35 -6.81 -39.03
N VAL A 420 -16.32 -6.70 -38.12
CA VAL A 420 -17.05 -5.45 -37.89
C VAL A 420 -16.43 -4.76 -36.69
N ILE A 421 -16.16 -3.46 -36.83
CA ILE A 421 -15.68 -2.65 -35.72
C ILE A 421 -16.85 -2.33 -34.80
N TRP A 422 -16.71 -2.67 -33.53
CA TRP A 422 -17.68 -2.32 -32.51
C TRP A 422 -17.06 -1.30 -31.58
N CYS A 423 -17.91 -0.48 -30.96
CA CYS A 423 -17.43 0.58 -30.07
C CYS A 423 -18.29 0.57 -28.81
N ILE A 424 -17.65 0.34 -27.67
CA ILE A 424 -18.30 0.42 -26.36
C ILE A 424 -17.99 1.80 -25.77
N SER A 425 -19.03 2.50 -25.34
CA SER A 425 -18.89 3.85 -24.80
C SER A 425 -19.62 3.92 -23.46
N LEU A 426 -18.86 4.21 -22.41
CA LEU A 426 -19.45 4.49 -21.09
C LEU A 426 -19.74 5.99 -21.02
N VAL A 427 -20.99 6.33 -20.75
CA VAL A 427 -21.42 7.73 -20.69
C VAL A 427 -21.95 8.01 -19.29
N GLU A 428 -21.43 9.07 -18.68
CA GLU A 428 -21.88 9.52 -17.37
C GLU A 428 -23.15 10.35 -17.52
N ILE A 429 -24.23 9.92 -16.87
CA ILE A 429 -25.48 10.67 -16.83
C ILE A 429 -25.81 10.98 -15.38
N TYR A 430 -26.33 12.19 -15.15
CA TYR A 430 -26.59 12.68 -13.81
C TYR A 430 -27.95 13.36 -13.76
N ASP A 431 -28.47 13.51 -12.54
CA ASP A 431 -29.74 14.18 -12.30
C ASP A 431 -30.86 13.59 -13.17
N THR A 432 -30.88 12.26 -13.27
CA THR A 432 -31.94 11.58 -13.99
C THR A 432 -33.23 11.50 -13.18
N GLY A 433 -33.20 11.84 -11.90
CA GLY A 433 -34.37 11.71 -11.06
C GLY A 433 -34.71 10.28 -10.70
N ASP A 434 -33.73 9.40 -10.68
CA ASP A 434 -33.92 8.00 -10.35
C ASP A 434 -33.45 7.71 -8.93
N SER A 435 -33.68 6.48 -8.49
CA SER A 435 -33.13 6.04 -7.21
C SER A 435 -31.68 5.61 -7.36
N VAL A 436 -31.38 4.80 -8.37
CA VAL A 436 -30.01 4.39 -8.65
C VAL A 436 -29.58 5.01 -9.98
N ILE A 437 -29.09 6.25 -9.91
CA ILE A 437 -28.50 6.89 -11.09
C ILE A 437 -27.22 6.14 -11.44
N ARG A 438 -27.10 5.74 -12.69
CA ARG A 438 -25.99 4.91 -13.15
C ARG A 438 -25.48 5.46 -14.47
N PRO A 439 -24.23 5.17 -14.82
CA PRO A 439 -23.75 5.47 -16.17
C PRO A 439 -24.43 4.56 -17.18
N LYS A 440 -24.43 5.01 -18.43
CA LYS A 440 -25.08 4.31 -19.53
C LYS A 440 -23.99 3.76 -20.43
N LEU A 441 -23.88 2.44 -20.49
CA LEU A 441 -22.89 1.77 -21.33
C LEU A 441 -23.53 1.43 -22.67
N PHE A 442 -22.91 1.86 -23.75
CA PHE A 442 -23.44 1.68 -25.09
C PHE A 442 -22.57 0.72 -25.89
N ALA A 443 -23.12 0.27 -27.02
CA ALA A 443 -22.43 -0.63 -27.94
C ALA A 443 -22.84 -0.20 -29.34
N VAL A 444 -21.91 0.43 -30.06
CA VAL A 444 -22.19 1.06 -31.34
C VAL A 444 -21.31 0.40 -32.40
N LYS A 445 -21.94 -0.25 -33.36
CA LYS A 445 -21.22 -0.87 -34.48
C LYS A 445 -20.96 0.18 -35.55
N ILE A 446 -19.71 0.28 -35.98
CA ILE A 446 -19.32 1.24 -37.02
C ILE A 446 -19.73 0.67 -38.38
N PRO A 447 -20.62 1.32 -39.13
CA PRO A 447 -21.11 0.72 -40.37
C PRO A 447 -19.99 0.53 -41.38
N ALA A 448 -20.16 -0.51 -42.21
CA ALA A 448 -19.23 -0.74 -43.31
C ALA A 448 -19.72 -0.06 -44.59
N GLN A 449 -21.03 -0.01 -44.81
CA GLN A 449 -21.62 0.65 -45.96
C GLN A 449 -22.29 1.94 -45.52
N CYS A 450 -22.35 2.89 -46.43
CA CYS A 450 -23.05 4.15 -46.21
C CYS A 450 -24.50 4.12 -46.65
N SER A 451 -24.99 2.95 -47.07
CA SER A 451 -26.38 2.79 -47.48
C SER A 451 -27.26 2.46 -46.28
N GLU A 452 -28.57 2.48 -46.51
CA GLU A 452 -29.55 2.24 -45.47
C GLU A 452 -29.29 3.11 -44.25
N PRO B 34 33.66 -19.26 29.65
CA PRO B 34 34.72 -18.63 30.45
C PRO B 34 34.29 -17.30 31.05
N ASN B 35 33.34 -16.63 30.40
CA ASN B 35 32.81 -15.38 30.93
C ASN B 35 31.95 -15.65 32.15
N GLN B 36 32.05 -14.79 33.16
CA GLN B 36 31.33 -14.95 34.41
C GLN B 36 30.38 -13.79 34.63
N ILE B 37 29.37 -14.02 35.47
CA ILE B 37 28.36 -13.03 35.82
C ILE B 37 28.06 -13.14 37.31
N CYS B 38 27.58 -12.03 37.87
CA CYS B 38 27.16 -12.00 39.26
C CYS B 38 25.90 -12.83 39.43
N LEU B 39 25.97 -13.88 40.25
CA LEU B 39 24.90 -14.85 40.40
C LEU B 39 24.21 -14.75 41.75
N GLN B 40 24.32 -13.62 42.43
CA GLN B 40 23.76 -13.43 43.75
C GLN B 40 22.77 -12.27 43.75
N LYS B 41 21.82 -12.33 44.67
CA LYS B 41 20.84 -11.25 44.82
C LYS B 41 21.46 -10.09 45.58
N THR B 42 21.19 -8.88 45.10
CA THR B 42 21.77 -7.67 45.68
C THR B 42 20.82 -6.51 45.49
N THR B 43 20.57 -5.76 46.57
CA THR B 43 19.71 -4.59 46.54
C THR B 43 20.45 -3.32 46.13
N SER B 44 21.74 -3.41 45.84
CA SER B 44 22.55 -2.24 45.52
C SER B 44 22.37 -1.89 44.04
N THR B 45 23.14 -0.91 43.57
CA THR B 45 23.08 -0.46 42.20
C THR B 45 24.27 -0.96 41.39
N ILE B 46 24.46 -2.28 41.38
CA ILE B 46 25.53 -2.84 40.55
C ILE B 46 25.24 -2.57 39.08
N LEU B 47 23.99 -2.31 38.74
CA LEU B 47 23.57 -2.06 37.36
C LEU B 47 23.48 -0.55 37.14
N LYS B 48 24.18 -0.06 36.11
CA LYS B 48 24.24 1.37 35.82
C LYS B 48 23.95 1.55 34.33
N PRO B 49 22.72 1.90 33.95
CA PRO B 49 22.40 2.02 32.53
C PRO B 49 22.89 3.34 31.94
N ARG B 50 23.20 3.28 30.64
CA ARG B 50 23.72 4.42 29.91
C ARG B 50 22.96 4.58 28.61
N LEU B 51 22.73 5.83 28.20
CA LEU B 51 22.04 6.12 26.95
C LEU B 51 23.01 5.93 25.78
N ILE B 52 22.64 5.05 24.87
CA ILE B 52 23.54 4.64 23.79
C ILE B 52 23.53 5.69 22.69
N SER B 53 24.70 5.84 22.04
CA SER B 53 24.82 6.71 20.88
C SER B 53 24.39 5.95 19.64
N TYR B 54 23.36 6.44 18.95
CA TYR B 54 22.90 5.84 17.72
C TYR B 54 22.60 6.92 16.71
N THR B 55 23.07 6.74 15.48
CA THR B 55 22.90 7.70 14.41
C THR B 55 21.71 7.30 13.54
N LEU B 56 20.82 8.25 13.29
CA LEU B 56 19.70 8.09 12.38
C LEU B 56 19.70 9.25 11.40
N PRO B 57 19.12 9.07 10.21
CA PRO B 57 19.01 10.21 9.28
C PRO B 57 18.31 11.38 9.95
N ILE B 58 18.85 12.58 9.74
CA ILE B 58 18.50 13.76 10.53
C ILE B 58 17.43 14.56 9.81
N ASN B 59 16.40 14.96 10.56
CA ASN B 59 15.40 15.92 10.12
C ASN B 59 15.29 17.02 11.17
N THR B 60 14.39 17.97 10.95
CA THR B 60 14.11 19.01 11.92
C THR B 60 12.62 19.36 11.89
N ARG B 61 11.77 18.36 11.74
CA ARG B 61 10.32 18.54 11.77
C ARG B 61 9.80 18.25 13.17
N GLU B 62 8.70 18.92 13.52
CA GLU B 62 8.15 18.90 14.87
C GLU B 62 6.74 18.33 14.88
N GLY B 63 6.27 18.02 16.08
CA GLY B 63 4.97 17.42 16.24
C GLY B 63 4.91 15.98 15.73
N VAL B 64 5.93 15.19 16.01
CA VAL B 64 6.09 13.87 15.42
C VAL B 64 6.25 12.85 16.53
N CYS B 65 5.77 11.63 16.27
CA CYS B 65 5.93 10.50 17.16
C CYS B 65 6.60 9.36 16.39
N ILE B 66 7.56 8.72 17.04
CA ILE B 66 8.28 7.59 16.47
C ILE B 66 7.68 6.32 17.05
N THR B 67 7.04 5.51 16.21
CA THR B 67 6.25 4.36 16.63
C THR B 67 6.76 3.10 15.94
N ASP B 68 6.04 2.00 16.15
CA ASP B 68 6.34 0.69 15.57
C ASP B 68 7.85 0.43 15.54
N PRO B 69 8.53 0.53 16.68
CA PRO B 69 9.99 0.39 16.67
C PRO B 69 10.41 -1.05 16.47
N LEU B 70 11.70 -1.22 16.18
CA LEU B 70 12.26 -2.54 15.96
C LEU B 70 13.76 -2.46 16.22
N LEU B 71 14.29 -3.43 16.96
CA LEU B 71 15.72 -3.52 17.18
C LEU B 71 16.15 -4.97 17.02
N ALA B 72 17.29 -5.17 16.36
CA ALA B 72 17.86 -6.49 16.17
C ALA B 72 19.37 -6.35 16.16
N VAL B 73 20.05 -7.06 17.06
CA VAL B 73 21.51 -7.10 17.10
C VAL B 73 21.96 -8.50 16.71
N ASP B 74 23.05 -8.58 15.96
CA ASP B 74 23.48 -9.85 15.41
C ASP B 74 24.88 -9.76 14.81
N ASN B 75 25.84 -10.47 15.40
CA ASN B 75 27.21 -10.57 14.87
C ASN B 75 27.84 -9.18 14.69
N GLY B 76 27.72 -8.36 15.71
CA GLY B 76 28.27 -7.02 15.64
C GLY B 76 27.57 -6.10 14.68
N PHE B 77 26.34 -6.42 14.30
CA PHE B 77 25.55 -5.61 13.39
C PHE B 77 24.19 -5.36 14.03
N PHE B 78 23.43 -4.44 13.43
CA PHE B 78 22.13 -4.11 13.98
C PHE B 78 21.17 -3.73 12.86
N ALA B 79 19.88 -3.81 13.17
CA ALA B 79 18.81 -3.37 12.29
C ALA B 79 17.82 -2.54 13.10
N TYR B 80 17.27 -1.51 12.47
CA TYR B 80 16.34 -0.60 13.14
C TYR B 80 15.26 -0.17 12.17
N SER B 81 14.02 -0.14 12.66
CA SER B 81 12.89 0.35 11.90
C SER B 81 11.96 1.14 12.81
N HIS B 82 11.20 2.05 12.20
CA HIS B 82 10.22 2.84 12.95
C HIS B 82 9.26 3.47 11.95
N LEU B 83 8.14 3.96 12.48
CA LEU B 83 7.15 4.70 11.71
C LEU B 83 7.01 6.09 12.31
N GLU B 84 7.29 7.12 11.51
CA GLU B 84 7.16 8.50 11.93
C GLU B 84 5.73 8.97 11.70
N LYS B 85 5.10 9.46 12.77
CA LYS B 85 3.70 9.89 12.73
C LYS B 85 3.62 11.35 13.09
N ILE B 86 3.15 12.17 12.15
CA ILE B 86 2.89 13.59 12.40
C ILE B 86 1.61 13.68 13.22
N GLY B 87 1.73 14.14 14.47
CA GLY B 87 0.59 14.30 15.33
C GLY B 87 0.57 13.34 16.51
N SER B 88 -0.45 12.51 16.59
CA SER B 88 -0.63 11.61 17.71
C SER B 88 0.14 10.30 17.50
N CYS B 89 0.49 9.66 18.60
CA CYS B 89 1.19 8.38 18.56
C CYS B 89 0.28 7.21 18.24
N THR B 90 -1.03 7.45 18.13
CA THR B 90 -2.01 6.42 17.80
C THR B 90 -2.86 6.79 16.59
N ARG B 91 -3.27 8.05 16.48
CA ARG B 91 -4.12 8.51 15.38
C ARG B 91 -3.43 9.63 14.60
N GLY B 92 -2.11 9.51 14.42
CA GLY B 92 -1.38 10.46 13.61
C GLY B 92 -1.24 10.00 12.16
N ILE B 93 -0.93 10.95 11.28
CA ILE B 93 -0.79 10.65 9.87
C ILE B 93 0.62 10.12 9.62
N ALA B 94 0.71 8.92 9.05
CA ALA B 94 2.00 8.32 8.76
C ALA B 94 2.82 9.24 7.87
N LYS B 95 4.02 9.56 8.32
CA LYS B 95 4.94 10.42 7.57
C LYS B 95 6.06 9.62 6.92
N GLN B 96 6.83 8.88 7.71
CA GLN B 96 8.06 8.27 7.19
C GLN B 96 8.34 6.96 7.92
N ARG B 97 8.21 5.86 7.19
CA ARG B 97 8.73 4.56 7.61
C ARG B 97 10.18 4.43 7.13
N ILE B 98 11.09 4.08 8.03
CA ILE B 98 12.49 3.86 7.66
C ILE B 98 12.89 2.47 8.13
N ILE B 99 13.73 1.82 7.33
CA ILE B 99 14.32 0.52 7.65
C ILE B 99 15.83 0.66 7.51
N GLY B 100 16.56 0.32 8.57
CA GLY B 100 17.97 0.62 8.63
C GLY B 100 18.79 -0.55 9.13
N VAL B 101 20.08 -0.51 8.78
CA VAL B 101 21.08 -1.48 9.23
C VAL B 101 22.36 -0.71 9.54
N GLY B 102 23.21 -1.32 10.36
CA GLY B 102 24.45 -0.66 10.72
C GLY B 102 25.38 -1.57 11.50
N GLU B 103 26.31 -0.93 12.22
CA GLU B 103 27.37 -1.61 12.94
C GLU B 103 27.32 -1.24 14.42
N VAL B 104 27.59 -2.23 15.27
CA VAL B 104 27.70 -2.02 16.72
C VAL B 104 29.18 -2.20 17.10
N LEU B 105 29.79 -1.11 17.59
CA LEU B 105 31.24 -1.07 17.75
C LEU B 105 31.60 -0.34 19.04
N ASP B 106 32.74 -0.70 19.61
CA ASP B 106 33.35 0.07 20.71
C ASP B 106 34.38 1.01 20.10
N ARG B 107 34.08 2.32 20.11
CA ARG B 107 34.96 3.32 19.53
C ARG B 107 35.95 3.89 20.54
N GLY B 108 36.25 3.17 21.62
CA GLY B 108 37.16 3.62 22.64
C GLY B 108 36.51 4.28 23.83
N ASP B 109 35.24 4.67 23.71
CA ASP B 109 34.49 5.16 24.86
C ASP B 109 34.14 4.06 25.85
N LYS B 110 34.59 2.83 25.62
CA LYS B 110 34.35 1.71 26.52
C LYS B 110 32.86 1.54 26.78
N VAL B 111 32.05 1.79 25.75
CA VAL B 111 30.61 1.60 25.78
C VAL B 111 30.19 1.22 24.36
N PRO B 112 29.14 0.43 24.16
CA PRO B 112 28.71 0.14 22.77
C PRO B 112 28.13 1.37 22.09
N SER B 113 28.41 1.49 20.79
CA SER B 113 27.88 2.55 19.96
C SER B 113 27.27 1.95 18.71
N MET B 114 26.30 2.66 18.14
CA MET B 114 25.59 2.21 16.95
C MET B 114 25.75 3.24 15.84
N PHE B 115 26.04 2.76 14.63
CA PHE B 115 26.26 3.63 13.47
C PHE B 115 25.54 3.05 12.27
N MET B 116 24.57 3.79 11.75
CA MET B 116 23.81 3.34 10.59
C MET B 116 24.68 3.33 9.35
N THR B 117 24.51 2.29 8.53
CA THR B 117 25.22 2.15 7.26
C THR B 117 24.31 2.21 6.05
N ASN B 118 23.10 1.66 6.16
CA ASN B 118 22.14 1.68 5.06
C ASN B 118 20.77 2.03 5.62
N VAL B 119 19.92 2.59 4.76
CA VAL B 119 18.55 2.91 5.11
C VAL B 119 17.68 2.74 3.88
N TRP B 120 16.41 2.44 4.10
CA TRP B 120 15.42 2.50 3.03
C TRP B 120 14.13 3.09 3.58
N THR B 121 13.51 3.95 2.78
CA THR B 121 12.29 4.65 3.14
C THR B 121 11.18 4.23 2.17
N PRO B 122 10.38 3.24 2.52
CA PRO B 122 9.25 2.85 1.67
C PRO B 122 8.42 4.06 1.29
N PRO B 123 7.75 4.02 0.12
CA PRO B 123 7.04 5.21 -0.37
C PRO B 123 5.66 5.41 0.22
N ASN B 124 4.95 4.33 0.58
CA ASN B 124 3.65 4.41 1.23
C ASN B 124 3.79 3.98 2.67
N PRO B 125 4.14 4.88 3.59
CA PRO B 125 4.40 4.45 4.98
C PRO B 125 3.21 3.79 5.65
N SER B 126 1.99 4.18 5.26
CA SER B 126 0.80 3.70 5.96
C SER B 126 0.53 2.21 5.71
N THR B 127 1.15 1.61 4.69
CA THR B 127 0.89 0.21 4.38
C THR B 127 1.87 -0.75 5.04
N ILE B 128 3.04 -0.27 5.48
CA ILE B 128 4.04 -1.13 6.09
C ILE B 128 3.63 -1.42 7.54
N HIS B 129 3.51 -2.71 7.87
CA HIS B 129 3.08 -3.16 9.19
C HIS B 129 3.96 -4.32 9.63
N HIS B 130 4.00 -4.53 10.95
CA HIS B 130 4.69 -5.66 11.56
C HIS B 130 5.93 -6.11 10.79
N CYS B 131 7.07 -5.48 11.04
CA CYS B 131 8.32 -5.82 10.38
C CYS B 131 9.16 -6.73 11.26
N SER B 132 10.00 -7.55 10.63
CA SER B 132 10.80 -8.54 11.34
C SER B 132 12.12 -8.73 10.61
N SER B 133 13.24 -8.39 11.27
CA SER B 133 14.56 -8.44 10.67
C SER B 133 15.34 -9.67 11.13
N THR B 134 16.11 -10.26 10.20
CA THR B 134 16.97 -11.38 10.48
C THR B 134 18.25 -11.23 9.67
N TYR B 135 19.36 -11.68 10.24
CA TYR B 135 20.69 -11.47 9.67
C TYR B 135 21.23 -12.77 9.08
N HIS B 136 21.93 -12.65 7.95
CA HIS B 136 22.61 -13.78 7.34
C HIS B 136 23.79 -13.28 6.51
N GLU B 137 24.93 -13.94 6.67
CA GLU B 137 26.15 -13.60 5.95
C GLU B 137 26.38 -12.09 5.97
N ASP B 138 26.07 -11.37 4.89
CA ASP B 138 26.37 -9.96 4.78
C ASP B 138 25.13 -9.08 4.68
N PHE B 139 23.96 -9.60 5.05
CA PHE B 139 22.71 -8.86 4.85
C PHE B 139 21.77 -9.05 6.04
N TYR B 140 20.87 -8.08 6.19
CA TYR B 140 19.72 -8.18 7.09
C TYR B 140 18.48 -8.29 6.22
N TYR B 141 17.81 -9.44 6.27
CA TYR B 141 16.54 -9.62 5.60
C TYR B 141 15.42 -9.28 6.56
N THR B 142 14.52 -8.40 6.14
CA THR B 142 13.41 -7.96 6.98
C THR B 142 12.09 -8.21 6.27
N LEU B 143 11.29 -9.13 6.82
CA LEU B 143 9.98 -9.48 6.30
C LEU B 143 8.93 -8.59 6.96
N CYS B 144 8.27 -7.75 6.16
CA CYS B 144 7.24 -6.83 6.65
C CYS B 144 5.88 -7.27 6.11
N ALA B 145 4.85 -6.53 6.48
CA ALA B 145 3.48 -6.80 6.07
C ALA B 145 2.89 -5.57 5.38
N VAL B 146 2.31 -5.78 4.21
CA VAL B 146 1.68 -4.71 3.43
C VAL B 146 0.17 -4.82 3.60
N SER B 147 -0.44 -3.78 4.15
CA SER B 147 -1.87 -3.77 4.42
C SER B 147 -2.45 -2.39 4.18
N HIS B 148 -3.66 -2.34 3.61
CA HIS B 148 -4.40 -1.10 3.43
C HIS B 148 -5.64 -1.03 4.31
N VAL B 149 -5.80 -1.99 5.24
CA VAL B 149 -6.88 -1.94 6.23
C VAL B 149 -6.38 -1.50 7.60
N GLY B 150 -5.07 -1.35 7.78
CA GLY B 150 -4.48 -1.12 9.07
C GLY B 150 -3.92 -2.38 9.67
N ASP B 151 -3.57 -2.29 10.96
CA ASP B 151 -3.09 -3.44 11.73
C ASP B 151 -3.84 -4.71 11.37
N PRO B 152 -3.20 -5.65 10.66
CA PRO B 152 -3.89 -6.89 10.31
C PRO B 152 -4.48 -7.64 11.51
N ILE B 153 -3.99 -7.38 12.72
CA ILE B 153 -4.49 -8.11 13.89
C ILE B 153 -5.79 -7.50 14.38
N LEU B 154 -6.02 -6.21 14.12
CA LEU B 154 -7.26 -5.55 14.54
C LEU B 154 -8.34 -5.59 13.46
N ASN B 155 -7.97 -5.80 12.20
CA ASN B 155 -8.91 -5.97 11.10
C ASN B 155 -8.54 -7.26 10.34
N SER B 156 -8.59 -8.39 11.06
CA SER B 156 -8.11 -9.64 10.49
C SER B 156 -8.96 -10.08 9.30
N THR B 157 -10.28 -9.99 9.42
CA THR B 157 -11.15 -10.45 8.34
C THR B 157 -10.99 -9.59 7.08
N SER B 158 -10.59 -8.34 7.24
CA SER B 158 -10.43 -7.43 6.11
C SER B 158 -9.05 -7.52 5.47
N TRP B 159 -8.05 -8.03 6.17
CA TRP B 159 -6.69 -8.03 5.65
C TRP B 159 -6.53 -9.01 4.51
N THR B 160 -5.98 -8.53 3.39
CA THR B 160 -5.57 -9.37 2.28
C THR B 160 -4.07 -9.62 2.42
N GLU B 161 -3.69 -10.88 2.57
CA GLU B 161 -2.30 -11.21 2.87
C GLU B 161 -1.38 -10.71 1.75
N SER B 162 -0.49 -9.78 2.09
CA SER B 162 0.55 -9.30 1.19
C SER B 162 1.80 -9.06 2.01
N LEU B 163 2.93 -9.59 1.54
CA LEU B 163 4.18 -9.56 2.29
C LEU B 163 5.26 -8.88 1.47
N SER B 164 6.24 -8.30 2.17
CA SER B 164 7.38 -7.62 1.57
C SER B 164 8.66 -8.07 2.26
N LEU B 165 9.74 -8.19 1.49
CA LEU B 165 11.04 -8.61 2.00
C LEU B 165 12.10 -7.67 1.47
N ILE B 166 12.83 -7.04 2.38
CA ILE B 166 13.85 -6.05 2.02
C ILE B 166 15.20 -6.61 2.46
N ARG B 167 16.05 -6.93 1.49
CA ARG B 167 17.43 -7.32 1.76
C ARG B 167 18.30 -6.07 1.74
N LEU B 168 18.94 -5.77 2.86
CA LEU B 168 19.79 -4.61 3.01
C LEU B 168 21.19 -5.04 3.42
N ALA B 169 22.20 -4.41 2.85
CA ALA B 169 23.59 -4.77 3.11
C ALA B 169 24.10 -4.00 4.31
N VAL B 170 24.61 -4.72 5.31
CA VAL B 170 25.16 -4.08 6.51
C VAL B 170 26.39 -3.26 6.16
N ARG B 171 27.10 -3.60 5.09
CA ARG B 171 28.28 -2.86 4.64
C ARG B 171 28.09 -2.53 3.17
N PRO B 172 27.42 -1.41 2.87
CA PRO B 172 27.13 -1.07 1.47
C PRO B 172 28.41 -0.85 0.67
N LYS B 173 28.27 -0.95 -0.65
CA LYS B 173 29.36 -0.70 -1.58
C LYS B 173 28.88 0.27 -2.65
N SER B 174 29.83 0.85 -3.38
CA SER B 174 29.55 1.97 -4.27
C SER B 174 28.89 1.49 -5.56
N ASP B 175 27.85 2.22 -5.97
CA ASP B 175 27.13 1.94 -7.22
C ASP B 175 26.78 0.46 -7.34
N SER B 176 26.51 -0.20 -6.21
CA SER B 176 26.22 -1.62 -6.19
C SER B 176 24.72 -1.83 -6.00
N GLY B 177 23.97 -1.44 -7.03
CA GLY B 177 22.56 -1.72 -7.05
C GLY B 177 22.30 -3.20 -6.84
N ASP B 178 21.18 -3.53 -6.20
CA ASP B 178 20.79 -4.91 -5.93
C ASP B 178 21.62 -5.52 -4.80
N TYR B 179 22.92 -5.24 -4.73
CA TYR B 179 23.70 -5.66 -3.58
C TYR B 179 23.27 -4.88 -2.34
N ASN B 180 23.18 -3.56 -2.45
CA ASN B 180 22.79 -2.72 -1.34
C ASN B 180 21.34 -2.97 -0.94
N GLN B 181 20.40 -2.55 -1.78
CA GLN B 181 18.98 -2.67 -1.48
C GLN B 181 18.29 -3.49 -2.58
N LYS B 182 17.50 -4.48 -2.16
CA LYS B 182 16.76 -5.33 -3.07
C LYS B 182 15.45 -5.72 -2.41
N TYR B 183 14.46 -6.05 -3.25
CA TYR B 183 13.18 -6.56 -2.78
C TYR B 183 13.00 -7.97 -3.32
N ILE B 184 12.75 -8.91 -2.42
CA ILE B 184 12.59 -10.31 -2.77
C ILE B 184 11.10 -10.67 -2.71
N ALA B 185 10.40 -10.45 -3.82
CA ALA B 185 8.98 -10.77 -3.91
C ALA B 185 8.72 -12.20 -3.44
N ILE B 186 7.87 -12.32 -2.41
CA ILE B 186 7.72 -13.61 -1.72
C ILE B 186 7.25 -14.69 -2.67
N THR B 187 6.51 -14.33 -3.72
CA THR B 187 6.12 -15.28 -4.75
C THR B 187 5.16 -16.34 -4.21
N LYS B 188 5.67 -17.27 -3.39
CA LYS B 188 4.87 -18.35 -2.83
C LYS B 188 4.82 -18.24 -1.31
N VAL B 189 3.69 -18.65 -0.73
CA VAL B 189 3.53 -18.74 0.71
C VAL B 189 2.80 -20.06 0.99
N GLU B 190 3.51 -21.03 1.55
CA GLU B 190 2.94 -22.34 1.86
C GLU B 190 2.41 -22.30 3.29
N ARG B 191 1.15 -21.86 3.44
CA ARG B 191 0.56 -21.69 4.76
C ARG B 191 0.15 -23.00 5.40
N GLY B 192 -0.28 -23.96 4.59
CA GLY B 192 -0.78 -25.22 5.13
C GLY B 192 -2.25 -25.10 5.49
N LYS B 193 -2.58 -25.48 6.73
CA LYS B 193 -3.96 -25.43 7.19
C LYS B 193 -4.43 -24.02 7.52
N TYR B 194 -3.55 -23.03 7.47
CA TYR B 194 -3.90 -21.68 7.88
C TYR B 194 -4.33 -20.84 6.69
N ASP B 195 -5.23 -19.89 6.95
CA ASP B 195 -5.74 -19.02 5.90
C ASP B 195 -4.78 -17.88 5.60
N LYS B 196 -4.31 -17.20 6.64
CA LYS B 196 -3.39 -16.08 6.51
C LYS B 196 -2.19 -16.30 7.43
N VAL B 197 -1.04 -15.77 7.01
CA VAL B 197 0.18 -15.81 7.81
C VAL B 197 0.88 -14.46 7.67
N MET B 198 1.58 -14.06 8.73
CA MET B 198 2.10 -12.70 8.85
C MET B 198 3.36 -12.72 9.69
N PRO B 199 4.33 -11.85 9.41
CA PRO B 199 5.42 -11.62 10.37
C PRO B 199 4.88 -10.93 11.61
N TYR B 200 5.24 -11.44 12.80
CA TYR B 200 4.67 -10.93 14.05
C TYR B 200 5.72 -11.10 15.14
N GLY B 201 6.75 -10.23 15.09
CA GLY B 201 7.85 -10.27 16.03
C GLY B 201 9.05 -9.48 15.52
N PRO B 202 9.95 -9.06 16.44
CA PRO B 202 11.03 -8.15 16.02
C PRO B 202 12.17 -8.81 15.25
N SER B 203 12.71 -9.91 15.76
CA SER B 203 13.92 -10.50 15.19
C SER B 203 13.78 -12.02 15.10
N GLY B 204 14.67 -12.61 14.30
CA GLY B 204 14.71 -14.05 14.13
C GLY B 204 16.13 -14.59 14.10
N ILE B 205 16.29 -15.85 13.71
CA ILE B 205 17.61 -16.48 13.65
C ILE B 205 17.87 -16.99 12.24
N LYS B 206 19.05 -17.59 12.05
CA LYS B 206 19.40 -18.28 10.83
C LYS B 206 20.08 -19.59 11.21
N GLN B 207 19.72 -20.66 10.52
CA GLN B 207 20.29 -21.99 10.75
C GLN B 207 20.89 -22.47 9.42
N GLY B 208 22.17 -22.18 9.22
CA GLY B 208 22.82 -22.50 7.97
C GLY B 208 22.52 -21.47 6.89
N ASP B 209 21.67 -21.84 5.94
CA ASP B 209 21.22 -20.92 4.90
C ASP B 209 19.72 -20.66 4.97
N THR B 210 19.06 -21.07 6.06
CA THR B 210 17.62 -20.91 6.22
C THR B 210 17.33 -19.80 7.22
N LEU B 211 16.32 -18.99 6.93
CA LEU B 211 15.93 -17.86 7.76
C LEU B 211 14.58 -18.14 8.40
N TYR B 212 14.52 -18.00 9.72
CA TYR B 212 13.29 -18.20 10.48
C TYR B 212 12.87 -16.87 11.10
N PHE B 213 11.74 -16.35 10.66
CA PHE B 213 11.18 -15.13 11.20
C PHE B 213 10.08 -15.44 12.21
N PRO B 214 9.93 -14.65 13.28
CA PRO B 214 8.75 -14.81 14.14
C PRO B 214 7.48 -14.53 13.35
N ALA B 215 6.45 -15.35 13.59
CA ALA B 215 5.26 -15.31 12.75
C ALA B 215 4.01 -15.60 13.58
N VAL B 216 2.85 -15.36 12.95
CA VAL B 216 1.55 -15.67 13.51
C VAL B 216 0.73 -16.38 12.44
N GLY B 217 -0.30 -17.10 12.89
CA GLY B 217 -1.13 -17.88 11.98
C GLY B 217 -2.61 -17.72 12.23
N PHE B 218 -3.35 -17.30 11.21
CA PHE B 218 -4.80 -17.08 11.32
C PHE B 218 -5.54 -18.36 10.95
N LEU B 219 -6.25 -18.95 11.92
CA LEU B 219 -7.05 -20.14 11.70
C LEU B 219 -8.51 -19.84 12.03
N PRO B 220 -9.45 -20.07 11.12
CA PRO B 220 -10.86 -19.89 11.50
C PRO B 220 -11.23 -20.81 12.65
N ARG B 221 -11.86 -20.24 13.67
CA ARG B 221 -12.25 -20.99 14.86
C ARG B 221 -12.85 -22.35 14.49
N THR B 222 -13.72 -22.37 13.48
CA THR B 222 -14.40 -23.59 13.08
C THR B 222 -13.45 -24.75 12.85
N GLU B 223 -12.16 -24.47 12.62
CA GLU B 223 -11.17 -25.51 12.37
C GLU B 223 -10.12 -25.58 13.47
N PHE B 224 -10.38 -25.00 14.63
CA PHE B 224 -9.44 -25.01 15.75
C PHE B 224 -9.69 -26.25 16.60
N GLN B 225 -8.74 -27.17 16.62
CA GLN B 225 -8.82 -28.38 17.43
C GLN B 225 -8.25 -28.10 18.81
N TYR B 226 -9.09 -28.19 19.84
CA TYR B 226 -8.68 -27.97 21.21
C TYR B 226 -9.61 -28.73 22.14
N ASN B 227 -9.03 -29.37 23.15
CA ASN B 227 -9.78 -30.07 24.18
C ASN B 227 -9.90 -29.16 25.39
N ASP B 228 -11.10 -28.62 25.62
CA ASP B 228 -11.33 -27.76 26.77
C ASP B 228 -10.94 -28.44 28.08
N SER B 229 -10.83 -29.77 28.09
CA SER B 229 -10.37 -30.46 29.29
C SER B 229 -8.90 -30.17 29.59
N ASN B 230 -8.18 -29.57 28.66
CA ASN B 230 -6.78 -29.20 28.88
C ASN B 230 -6.61 -27.82 29.50
N CYS B 231 -7.69 -27.06 29.62
CA CYS B 231 -7.62 -25.73 30.21
C CYS B 231 -7.37 -25.85 31.71
N PRO B 232 -6.21 -25.43 32.23
CA PRO B 232 -5.93 -25.62 33.65
C PRO B 232 -6.77 -24.72 34.55
N ILE B 233 -7.87 -25.26 35.06
CA ILE B 233 -8.75 -24.52 35.96
C ILE B 233 -8.79 -25.25 37.30
N ILE B 234 -7.66 -25.85 37.69
CA ILE B 234 -7.64 -26.70 38.86
C ILE B 234 -7.79 -25.89 40.14
N HIS B 235 -7.09 -24.76 40.23
CA HIS B 235 -7.09 -23.93 41.43
C HIS B 235 -7.76 -22.59 41.21
N CYS B 236 -8.47 -22.42 40.10
CA CYS B 236 -9.16 -21.17 39.76
C CYS B 236 -10.67 -21.42 39.80
N LYS B 237 -11.31 -20.97 40.89
CA LYS B 237 -12.70 -21.30 41.12
C LYS B 237 -13.62 -20.60 40.10
N TYR B 238 -13.36 -19.33 39.82
CA TYR B 238 -14.19 -18.53 38.93
C TYR B 238 -13.76 -18.63 37.47
N SER B 239 -13.21 -19.77 37.04
CA SER B 239 -12.73 -19.96 35.69
C SER B 239 -13.38 -21.20 35.09
N LYS B 240 -13.96 -21.04 33.90
CA LYS B 240 -14.48 -22.16 33.14
C LYS B 240 -13.39 -22.75 32.25
N ALA B 241 -13.68 -23.91 31.66
CA ALA B 241 -12.70 -24.56 30.79
C ALA B 241 -12.71 -23.96 29.39
N GLU B 242 -13.85 -23.46 28.93
CA GLU B 242 -13.91 -22.78 27.65
C GLU B 242 -13.14 -21.46 27.65
N ASN B 243 -12.66 -21.01 28.80
CA ASN B 243 -11.97 -19.73 28.89
C ASN B 243 -10.58 -19.76 28.27
N CYS B 244 -10.03 -20.95 28.01
CA CYS B 244 -8.74 -21.04 27.32
C CYS B 244 -8.93 -20.96 25.82
N ARG B 245 -9.88 -21.74 25.29
CA ARG B 245 -10.11 -21.77 23.85
C ARG B 245 -10.63 -20.44 23.35
N LEU B 246 -11.39 -19.71 24.18
CA LEU B 246 -11.94 -18.43 23.79
C LEU B 246 -10.95 -17.29 23.97
N SER B 247 -9.87 -17.50 24.71
CA SER B 247 -8.80 -16.52 24.85
C SER B 247 -7.74 -16.63 23.76
N MET B 248 -7.93 -17.55 22.80
CA MET B 248 -7.01 -17.72 21.68
C MET B 248 -7.34 -16.81 20.51
N GLY B 249 -8.11 -15.75 20.74
CA GLY B 249 -8.43 -14.80 19.69
C GLY B 249 -8.60 -13.42 20.29
N VAL B 250 -8.62 -12.42 19.41
CA VAL B 250 -8.75 -11.03 19.86
C VAL B 250 -10.00 -10.87 20.72
N ASN B 251 -11.03 -11.67 20.47
CA ASN B 251 -12.22 -11.70 21.30
C ASN B 251 -12.81 -13.10 21.26
N SER B 252 -13.83 -13.33 22.09
CA SER B 252 -14.36 -14.69 22.24
C SER B 252 -15.03 -15.17 20.96
N LYS B 253 -15.75 -14.30 20.27
CA LYS B 253 -16.39 -14.64 19.01
C LYS B 253 -15.50 -14.36 17.80
N SER B 254 -14.23 -14.01 18.02
CA SER B 254 -13.34 -13.68 16.92
C SER B 254 -13.41 -14.73 15.83
N HIS B 255 -13.55 -14.27 14.58
CA HIS B 255 -13.62 -15.19 13.45
C HIS B 255 -12.34 -16.02 13.34
N TYR B 256 -11.21 -15.46 13.76
CA TYR B 256 -9.90 -16.10 13.66
C TYR B 256 -9.31 -16.31 15.05
N ILE B 257 -8.65 -17.45 15.23
CA ILE B 257 -7.73 -17.64 16.34
C ILE B 257 -6.32 -17.38 15.82
N LEU B 258 -5.44 -16.93 16.70
CA LEU B 258 -4.07 -16.63 16.34
C LEU B 258 -3.14 -17.65 17.01
N ARG B 259 -2.24 -18.23 16.22
CA ARG B 259 -1.27 -19.21 16.71
C ARG B 259 0.11 -18.78 16.25
N SER B 260 0.97 -18.41 17.20
CA SER B 260 2.31 -17.94 16.87
C SER B 260 3.13 -19.08 16.25
N GLY B 261 4.26 -18.69 15.65
CA GLY B 261 5.10 -19.67 14.99
C GLY B 261 6.33 -19.06 14.33
N LEU B 262 6.78 -19.66 13.22
CA LEU B 262 7.99 -19.23 12.54
C LEU B 262 7.78 -19.36 11.04
N LEU B 263 7.94 -18.25 10.31
CA LEU B 263 7.93 -18.28 8.85
C LEU B 263 9.35 -18.58 8.36
N LYS B 264 9.48 -19.63 7.56
CA LYS B 264 10.76 -20.14 7.09
C LYS B 264 11.10 -19.55 5.73
N TYR B 265 12.41 -19.55 5.43
CA TYR B 265 12.88 -19.09 4.12
C TYR B 265 14.24 -19.74 3.86
N ASN B 266 14.27 -20.73 2.98
CA ASN B 266 15.49 -21.44 2.64
C ASN B 266 16.16 -20.75 1.46
N LEU B 267 17.30 -20.13 1.71
CA LEU B 267 18.02 -19.39 0.68
C LEU B 267 18.79 -20.29 -0.28
N SER B 268 19.09 -21.52 0.14
CA SER B 268 19.98 -22.37 -0.64
C SER B 268 19.37 -22.75 -1.99
N LEU B 269 18.04 -22.77 -2.08
CA LEU B 269 17.32 -22.99 -3.34
C LEU B 269 16.61 -21.71 -3.77
N GLY B 270 17.23 -20.56 -3.51
CA GLY B 270 16.58 -19.28 -3.66
C GLY B 270 16.54 -18.72 -5.06
N GLY B 271 15.53 -19.13 -5.83
CA GLY B 271 15.26 -18.53 -7.13
C GLY B 271 13.84 -17.99 -7.17
N ASP B 272 12.87 -18.87 -6.97
CA ASP B 272 11.46 -18.51 -6.79
C ASP B 272 11.15 -18.68 -5.31
N ILE B 273 11.57 -17.71 -4.51
CA ILE B 273 11.42 -17.74 -3.06
C ILE B 273 10.07 -18.31 -2.65
N ILE B 274 10.06 -19.04 -1.54
CA ILE B 274 8.83 -19.59 -0.96
C ILE B 274 8.93 -19.50 0.55
N LEU B 275 7.91 -18.95 1.18
CA LEU B 275 7.80 -18.88 2.63
C LEU B 275 6.96 -20.05 3.12
N GLN B 276 7.30 -20.59 4.29
CA GLN B 276 6.64 -21.77 4.83
C GLN B 276 6.42 -21.58 6.33
N PHE B 277 5.19 -21.79 6.77
CA PHE B 277 4.83 -21.54 8.16
C PHE B 277 5.12 -22.76 9.03
N ILE B 278 5.69 -22.50 10.19
CA ILE B 278 5.92 -23.51 11.23
C ILE B 278 5.17 -23.05 12.47
N GLU B 279 4.28 -23.92 12.97
CA GLU B 279 3.42 -23.57 14.09
C GLU B 279 4.01 -24.05 15.41
N ILE B 280 3.72 -23.29 16.47
CA ILE B 280 4.18 -23.64 17.81
C ILE B 280 3.32 -24.77 18.37
N ALA B 281 3.90 -25.54 19.28
CA ALA B 281 3.25 -26.75 19.79
C ALA B 281 2.20 -26.39 20.83
N ASP B 282 1.52 -27.43 21.34
CA ASP B 282 0.43 -27.22 22.30
C ASP B 282 0.92 -26.86 23.69
N ASN B 283 2.12 -27.30 24.06
CA ASN B 283 2.69 -27.00 25.38
C ASN B 283 2.57 -25.52 25.73
N ARG B 284 1.73 -25.22 26.73
CA ARG B 284 1.54 -23.85 27.21
C ARG B 284 1.06 -22.92 26.11
N LEU B 285 0.01 -23.36 25.41
CA LEU B 285 -0.51 -22.58 24.30
C LEU B 285 -1.10 -21.27 24.79
N THR B 286 -0.82 -20.19 24.05
CA THR B 286 -1.31 -18.86 24.36
C THR B 286 -1.61 -18.16 23.05
N ILE B 287 -2.51 -17.18 23.09
CA ILE B 287 -2.89 -16.47 21.88
C ILE B 287 -1.63 -16.00 21.15
N GLY B 288 -1.66 -16.10 19.83
CA GLY B 288 -0.55 -15.64 19.02
C GLY B 288 -0.15 -14.23 19.36
N SER B 289 1.07 -14.05 19.86
CA SER B 289 1.56 -12.78 20.33
C SER B 289 2.93 -12.50 19.72
N PRO B 290 3.36 -11.24 19.71
CA PRO B 290 4.66 -10.92 19.12
C PRO B 290 5.78 -11.69 19.81
N SER B 291 6.62 -12.34 19.01
CA SER B 291 7.60 -13.29 19.51
C SER B 291 8.99 -12.96 18.98
N LYS B 292 9.98 -13.64 19.53
CA LYS B 292 11.38 -13.43 19.16
C LYS B 292 12.13 -14.73 19.33
N ILE B 293 12.87 -15.12 18.29
CA ILE B 293 13.77 -16.27 18.35
C ILE B 293 15.19 -15.77 18.15
N TYR B 294 16.09 -16.20 19.02
CA TYR B 294 17.47 -15.74 18.99
C TYR B 294 18.38 -16.88 19.41
N ASN B 295 19.65 -16.79 19.00
CA ASN B 295 20.66 -17.78 19.33
C ASN B 295 21.53 -17.24 20.46
N SER B 296 21.64 -18.01 21.54
CA SER B 296 22.44 -17.62 22.69
C SER B 296 23.24 -18.82 23.17
N LEU B 297 24.54 -18.63 23.36
CA LEU B 297 25.43 -19.68 23.86
C LEU B 297 25.21 -20.99 23.12
N GLY B 298 25.07 -20.90 21.79
CA GLY B 298 25.04 -22.08 20.95
C GLY B 298 23.67 -22.51 20.46
N GLN B 299 22.69 -22.52 21.35
CA GLN B 299 21.38 -23.08 21.05
C GLN B 299 20.32 -22.00 20.91
N PRO B 300 19.23 -22.26 20.22
CA PRO B 300 18.19 -21.25 20.04
C PRO B 300 17.31 -21.09 21.27
N VAL B 301 16.81 -19.87 21.46
CA VAL B 301 15.87 -19.55 22.52
C VAL B 301 14.68 -18.84 21.87
N PHE B 302 13.53 -18.92 22.53
CA PHE B 302 12.30 -18.36 21.99
C PHE B 302 11.58 -17.57 23.08
N TYR B 303 11.02 -16.43 22.70
CA TYR B 303 10.24 -15.60 23.61
C TYR B 303 8.91 -15.29 22.96
N GLN B 304 7.83 -15.52 23.70
CA GLN B 304 6.48 -15.17 23.27
C GLN B 304 5.90 -14.18 24.27
N ALA B 305 5.28 -13.12 23.75
CA ALA B 305 4.63 -12.16 24.62
C ALA B 305 3.36 -12.77 25.22
N SER B 306 3.01 -12.30 26.42
CA SER B 306 1.83 -12.78 27.12
C SER B 306 0.70 -11.78 26.87
N TYR B 307 -0.06 -12.03 25.81
CA TYR B 307 -1.21 -11.21 25.46
C TYR B 307 -2.52 -11.79 25.98
N SER B 308 -2.45 -12.77 26.88
CA SER B 308 -3.66 -13.39 27.44
C SER B 308 -3.47 -13.64 28.93
N TRP B 309 -4.04 -14.74 29.45
CA TRP B 309 -4.08 -14.98 30.88
C TRP B 309 -2.77 -15.55 31.43
N ASP B 310 -1.96 -16.20 30.60
CA ASP B 310 -0.64 -16.67 31.04
C ASP B 310 0.27 -15.44 31.16
N THR B 311 0.06 -14.69 32.24
CA THR B 311 0.76 -13.41 32.41
C THR B 311 2.24 -13.61 32.72
N MET B 312 2.65 -14.80 33.13
CA MET B 312 4.05 -15.02 33.46
C MET B 312 4.90 -15.10 32.19
N ILE B 313 6.16 -14.71 32.31
CA ILE B 313 7.03 -14.65 31.15
C ILE B 313 7.14 -16.01 30.48
N LYS B 314 7.07 -16.01 29.16
CA LYS B 314 7.19 -17.22 28.34
C LYS B 314 8.52 -17.17 27.62
N LEU B 315 9.53 -17.82 28.21
CA LEU B 315 10.89 -17.85 27.71
C LEU B 315 11.39 -19.28 27.81
N GLY B 316 12.25 -19.69 26.88
CA GLY B 316 12.77 -21.05 26.94
C GLY B 316 13.60 -21.48 25.74
N ASP B 317 14.42 -22.51 25.93
CA ASP B 317 15.20 -23.07 24.84
C ASP B 317 14.29 -23.79 23.85
N VAL B 318 14.55 -23.56 22.57
CA VAL B 318 13.87 -24.32 21.52
C VAL B 318 14.47 -25.73 21.49
N ASP B 319 13.61 -26.73 21.68
CA ASP B 319 14.06 -28.12 21.51
C ASP B 319 14.14 -28.49 20.04
N THR B 320 13.12 -28.13 19.27
CA THR B 320 13.09 -28.36 17.83
C THR B 320 12.53 -27.12 17.16
N VAL B 321 13.20 -26.65 16.12
CA VAL B 321 12.70 -25.48 15.40
C VAL B 321 11.50 -25.85 14.53
N ASP B 322 11.60 -26.97 13.82
CA ASP B 322 10.50 -27.48 13.00
C ASP B 322 10.29 -28.95 13.34
N PRO B 323 9.20 -29.31 14.03
CA PRO B 323 8.15 -28.42 14.54
C PRO B 323 8.66 -27.56 15.69
N LEU B 324 8.06 -26.39 15.88
CA LEU B 324 8.51 -25.49 16.93
C LEU B 324 8.09 -26.02 18.29
N ARG B 325 9.08 -26.33 19.12
CA ARG B 325 8.84 -26.84 20.48
C ARG B 325 9.72 -26.06 21.43
N VAL B 326 9.11 -25.29 22.33
CA VAL B 326 9.83 -24.48 23.31
C VAL B 326 9.66 -25.12 24.68
N GLN B 327 10.75 -25.19 25.43
CA GLN B 327 10.74 -25.70 26.80
C GLN B 327 10.69 -24.51 27.74
N TRP B 328 9.49 -23.92 27.86
CA TRP B 328 9.30 -22.71 28.65
C TRP B 328 9.83 -22.91 30.07
N ARG B 329 10.16 -21.81 30.74
CA ARG B 329 10.74 -21.86 32.08
C ARG B 329 9.66 -21.78 33.14
N ASN B 330 9.96 -22.33 34.32
CA ASN B 330 9.11 -22.15 35.50
C ASN B 330 9.41 -20.82 36.18
N ASN B 331 9.21 -19.74 35.42
CA ASN B 331 9.56 -18.42 35.89
C ASN B 331 8.41 -17.82 36.68
N SER B 332 8.70 -17.36 37.90
CA SER B 332 7.68 -16.94 38.86
C SER B 332 7.99 -15.58 39.45
N VAL B 333 8.60 -14.68 38.67
CA VAL B 333 8.98 -13.37 39.19
C VAL B 333 8.75 -12.27 38.17
N ILE B 334 8.69 -12.61 36.88
CA ILE B 334 8.53 -11.64 35.81
C ILE B 334 7.17 -11.83 35.16
N SER B 335 6.46 -10.73 34.98
CA SER B 335 5.15 -10.73 34.34
C SER B 335 5.06 -9.48 33.46
N ARG B 336 3.85 -9.08 33.13
CA ARG B 336 3.58 -7.93 32.28
C ARG B 336 2.34 -7.21 32.79
N PRO B 337 2.25 -5.90 32.60
CA PRO B 337 1.01 -5.21 32.96
C PRO B 337 -0.14 -5.66 32.08
N GLY B 338 -1.34 -5.69 32.67
CA GLY B 338 -2.56 -6.02 31.96
C GLY B 338 -3.63 -4.98 32.24
N GLN B 339 -4.87 -5.44 32.31
CA GLN B 339 -6.01 -4.58 32.65
C GLN B 339 -6.85 -5.34 33.67
N SER B 340 -8.13 -4.99 33.75
CA SER B 340 -8.98 -5.48 34.84
C SER B 340 -9.09 -7.00 34.83
N GLN B 341 -9.23 -7.60 33.64
CA GLN B 341 -9.49 -9.04 33.57
C GLN B 341 -8.23 -9.84 33.90
N CYS B 342 -7.15 -9.62 33.14
CA CYS B 342 -5.90 -10.37 33.28
C CYS B 342 -4.78 -9.40 33.63
N PRO B 343 -4.67 -8.99 34.89
CA PRO B 343 -3.61 -8.08 35.30
C PRO B 343 -2.29 -8.82 35.53
N ARG B 344 -1.28 -8.07 35.97
CA ARG B 344 0.02 -8.65 36.24
C ARG B 344 -0.08 -9.73 37.33
N PHE B 345 0.58 -10.86 37.09
CA PHE B 345 0.62 -11.97 38.02
C PHE B 345 -0.74 -12.68 38.15
N ASN B 346 -1.40 -12.89 37.02
CA ASN B 346 -2.64 -13.68 36.97
C ASN B 346 -2.31 -14.99 36.26
N VAL B 347 -2.58 -16.10 36.92
CA VAL B 347 -2.26 -17.42 36.40
C VAL B 347 -3.51 -18.23 36.08
N CYS B 348 -4.66 -17.57 35.97
CA CYS B 348 -5.92 -18.29 35.86
C CYS B 348 -6.59 -18.04 34.51
N PRO B 349 -7.16 -19.08 33.87
CA PRO B 349 -7.76 -18.88 32.54
C PRO B 349 -8.92 -17.91 32.52
N GLU B 350 -8.73 -16.77 31.88
CA GLU B 350 -9.79 -15.82 31.63
C GLU B 350 -9.73 -15.37 30.18
N VAL B 351 -10.84 -14.82 29.70
CA VAL B 351 -10.95 -14.34 28.32
C VAL B 351 -10.43 -12.92 28.30
N CYS B 352 -9.19 -12.74 27.83
CA CYS B 352 -8.57 -11.43 27.82
C CYS B 352 -7.63 -11.32 26.63
N TRP B 353 -7.48 -10.09 26.13
CA TRP B 353 -6.48 -9.74 25.12
C TRP B 353 -5.80 -8.47 25.61
N GLU B 354 -4.86 -8.63 26.53
CA GLU B 354 -4.19 -7.48 27.14
C GLU B 354 -2.77 -7.90 27.52
N GLY B 355 -1.82 -7.02 27.24
CA GLY B 355 -0.43 -7.31 27.55
C GLY B 355 0.50 -6.51 26.68
N THR B 356 1.76 -6.47 27.11
CA THR B 356 2.81 -5.75 26.42
C THR B 356 3.95 -6.68 26.07
N TYR B 357 4.77 -6.25 25.13
CA TYR B 357 5.95 -7.01 24.68
C TYR B 357 7.16 -6.51 25.46
N ASN B 358 7.66 -7.33 26.38
CA ASN B 358 8.86 -7.03 27.17
C ASN B 358 9.75 -8.27 27.18
N ASP B 359 10.57 -8.42 26.14
CA ASP B 359 11.34 -9.64 25.93
C ASP B 359 12.52 -9.72 26.90
N ALA B 360 13.33 -10.76 26.72
CA ALA B 360 14.48 -11.00 27.58
C ALA B 360 15.49 -11.85 26.80
N PHE B 361 16.75 -11.76 27.20
CA PHE B 361 17.85 -12.44 26.51
C PHE B 361 18.62 -13.31 27.49
N LEU B 362 18.78 -14.59 27.15
CA LEU B 362 19.52 -15.51 28.00
C LEU B 362 20.99 -15.08 28.07
N ILE B 363 21.51 -14.98 29.29
CA ILE B 363 22.90 -14.61 29.51
C ILE B 363 23.69 -15.71 30.22
N ASP B 364 23.04 -16.73 30.74
CA ASP B 364 23.72 -17.88 31.34
C ASP B 364 22.76 -19.05 31.35
N ARG B 365 23.20 -20.18 30.77
CA ARG B 365 22.34 -21.35 30.67
C ARG B 365 22.52 -22.33 31.82
N LEU B 366 23.71 -22.39 32.41
CA LEU B 366 23.95 -23.30 33.53
C LEU B 366 23.12 -22.90 34.75
N ASN B 367 22.85 -21.61 34.92
CA ASN B 367 21.99 -21.11 35.97
C ASN B 367 20.74 -20.44 35.41
N TRP B 368 20.49 -20.62 34.12
CA TRP B 368 19.42 -19.96 33.38
C TRP B 368 19.08 -18.57 33.90
N VAL B 369 20.01 -17.65 33.72
CA VAL B 369 19.82 -16.24 34.05
C VAL B 369 19.59 -15.48 32.75
N SER B 370 18.58 -14.62 32.75
CA SER B 370 18.20 -13.84 31.57
C SER B 370 18.23 -12.35 31.92
N ALA B 371 18.18 -11.52 30.89
CA ALA B 371 18.27 -10.08 31.05
C ALA B 371 17.27 -9.40 30.11
N GLY B 372 16.49 -8.48 30.66
CA GLY B 372 15.50 -7.77 29.88
C GLY B 372 14.85 -6.68 30.71
N VAL B 373 14.02 -5.89 30.05
CA VAL B 373 13.30 -4.80 30.67
C VAL B 373 11.86 -5.24 30.93
N TYR B 374 11.32 -4.86 32.09
CA TYR B 374 9.92 -5.11 32.40
C TYR B 374 9.29 -3.85 32.97
N LEU B 375 7.96 -3.84 33.01
CA LEU B 375 7.18 -2.72 33.49
C LEU B 375 6.60 -3.08 34.85
N ASN B 376 6.99 -2.33 35.89
CA ASN B 376 6.60 -2.62 37.28
C ASN B 376 5.30 -1.88 37.60
N SER B 377 4.19 -2.47 37.17
CA SER B 377 2.86 -1.92 37.44
C SER B 377 1.83 -3.02 37.20
N ASN B 378 0.97 -3.30 38.20
CA ASN B 378 -0.08 -4.31 38.01
C ASN B 378 -0.81 -4.09 36.68
N GLN B 379 -1.34 -2.88 36.46
CA GLN B 379 -2.34 -2.63 35.40
C GLN B 379 -2.06 -1.33 34.66
N THR B 380 -0.79 -0.98 34.45
CA THR B 380 -0.44 0.19 33.66
C THR B 380 0.89 -0.06 32.96
N ALA B 381 1.10 0.61 31.84
CA ALA B 381 2.36 0.52 31.09
C ALA B 381 3.27 1.62 31.60
N GLU B 382 4.03 1.33 32.65
CA GLU B 382 4.82 2.32 33.35
C GLU B 382 6.04 1.65 33.97
N ASN B 383 6.85 2.45 34.67
CA ASN B 383 8.01 1.98 35.42
C ASN B 383 8.80 0.93 34.65
N PRO B 384 9.47 1.31 33.56
CA PRO B 384 10.41 0.38 32.94
C PRO B 384 11.55 0.05 33.90
N VAL B 385 11.89 -1.23 33.99
CA VAL B 385 12.89 -1.69 34.94
C VAL B 385 13.70 -2.80 34.28
N PHE B 386 14.98 -2.53 34.02
CA PHE B 386 15.90 -3.56 33.55
C PHE B 386 16.26 -4.49 34.69
N ALA B 387 16.32 -5.80 34.39
CA ALA B 387 16.50 -6.79 35.44
C ALA B 387 17.25 -8.00 34.89
N VAL B 388 18.18 -8.50 35.69
CA VAL B 388 18.84 -9.78 35.46
C VAL B 388 18.24 -10.78 36.44
N PHE B 389 17.56 -11.81 35.94
CA PHE B 389 16.70 -12.63 36.78
C PHE B 389 16.84 -14.10 36.45
N LYS B 390 16.77 -14.93 37.50
CA LYS B 390 16.67 -16.37 37.37
C LYS B 390 15.19 -16.77 37.36
N ASP B 391 14.93 -18.07 37.28
CA ASP B 391 13.55 -18.55 37.20
C ASP B 391 12.70 -18.01 38.35
N ASN B 392 13.14 -18.23 39.59
CA ASN B 392 12.36 -17.88 40.77
C ASN B 392 13.03 -16.79 41.60
N GLU B 393 13.82 -15.91 40.97
CA GLU B 393 14.53 -14.88 41.71
C GLU B 393 14.95 -13.78 40.76
N ILE B 394 14.81 -12.53 41.22
CA ILE B 394 15.35 -11.37 40.53
C ILE B 394 16.63 -11.00 41.25
N LEU B 395 17.77 -11.37 40.65
CA LEU B 395 19.08 -11.13 41.27
C LEU B 395 19.31 -9.65 41.51
N TYR B 396 19.44 -8.88 40.43
CA TYR B 396 19.62 -7.43 40.55
C TYR B 396 18.87 -6.74 39.42
N GLN B 397 18.37 -5.54 39.71
CA GLN B 397 17.56 -4.78 38.76
C GLN B 397 17.79 -3.30 38.99
N VAL B 398 17.34 -2.49 38.05
CA VAL B 398 17.54 -1.05 38.09
C VAL B 398 16.42 -0.33 37.35
N PRO B 399 15.81 0.70 37.92
CA PRO B 399 14.84 1.50 37.15
C PRO B 399 15.52 2.26 36.03
N LEU B 400 14.84 2.32 34.88
CA LEU B 400 15.40 2.97 33.70
C LEU B 400 14.95 4.43 33.58
N ALA B 401 13.67 4.71 33.80
CA ALA B 401 13.15 6.06 33.78
C ALA B 401 12.67 6.44 35.18
N GLU B 402 11.44 6.91 35.35
CA GLU B 402 10.88 7.19 36.66
C GLU B 402 9.87 6.09 37.00
N ASP B 403 8.97 6.36 37.95
CA ASP B 403 7.94 5.39 38.32
C ASP B 403 6.63 5.62 37.57
N ASP B 404 6.41 6.80 37.00
CA ASP B 404 5.19 7.11 36.28
C ASP B 404 5.42 7.33 34.79
N THR B 405 6.65 7.15 34.31
CA THR B 405 6.94 7.32 32.89
C THR B 405 6.21 6.26 32.08
N ASN B 406 5.29 6.69 31.21
CA ASN B 406 4.58 5.76 30.36
C ASN B 406 5.54 5.10 29.38
N ALA B 407 5.50 3.77 29.34
CA ALA B 407 6.39 3.01 28.47
C ALA B 407 5.69 1.70 28.09
N GLN B 408 5.95 1.24 26.86
CA GLN B 408 5.20 0.13 26.30
C GLN B 408 6.16 -0.99 25.94
N LYS B 409 6.60 -1.08 24.68
CA LYS B 409 7.37 -2.22 24.22
C LYS B 409 8.85 -2.07 24.57
N THR B 410 9.51 -3.20 24.81
CA THR B 410 10.94 -3.21 25.05
C THR B 410 11.57 -4.41 24.34
N ILE B 411 12.61 -4.13 23.55
CA ILE B 411 13.37 -5.15 22.83
C ILE B 411 14.78 -5.14 23.39
N THR B 412 15.22 -6.28 23.91
CA THR B 412 16.53 -6.40 24.57
C THR B 412 17.34 -7.48 23.87
N ASP B 413 18.49 -7.09 23.32
CA ASP B 413 19.44 -8.02 22.72
C ASP B 413 20.79 -7.82 23.40
N CYS B 414 21.41 -8.93 23.81
CA CYS B 414 22.66 -8.90 24.54
C CYS B 414 23.75 -9.62 23.74
N PHE B 415 25.00 -9.22 23.97
CA PHE B 415 26.13 -9.72 23.22
C PHE B 415 27.39 -9.55 24.06
N LEU B 416 28.50 -10.08 23.56
CA LEU B 416 29.79 -9.99 24.23
C LEU B 416 30.74 -9.10 23.42
N LEU B 417 31.20 -8.02 24.05
CA LEU B 417 32.21 -7.13 23.48
C LEU B 417 33.52 -7.40 24.22
N GLU B 418 34.53 -7.86 23.50
CA GLU B 418 35.75 -8.36 24.12
C GLU B 418 35.39 -9.53 25.04
N ASN B 419 35.43 -9.31 26.37
CA ASN B 419 35.06 -10.37 27.31
C ASN B 419 34.04 -9.87 28.35
N VAL B 420 33.24 -8.87 27.99
CA VAL B 420 32.27 -8.27 28.90
C VAL B 420 30.89 -8.29 28.24
N ILE B 421 29.92 -8.90 28.90
CA ILE B 421 28.57 -9.02 28.33
C ILE B 421 27.89 -7.65 28.38
N TRP B 422 27.30 -7.26 27.25
CA TRP B 422 26.62 -5.98 27.10
C TRP B 422 25.21 -6.23 26.60
N CYS B 423 24.28 -5.36 27.00
CA CYS B 423 22.88 -5.49 26.64
C CYS B 423 22.36 -4.15 26.13
N ILE B 424 21.75 -4.17 24.94
CA ILE B 424 21.12 -3.00 24.36
C ILE B 424 19.61 -3.23 24.38
N SER B 425 18.88 -2.31 25.01
CA SER B 425 17.43 -2.41 25.18
C SER B 425 16.77 -1.16 24.61
N LEU B 426 15.91 -1.36 23.62
CA LEU B 426 15.09 -0.28 23.07
C LEU B 426 13.78 -0.23 23.84
N VAL B 427 13.49 0.91 24.47
CA VAL B 427 12.29 1.09 25.28
C VAL B 427 11.40 2.13 24.61
N GLU B 428 10.13 1.77 24.44
CA GLU B 428 9.13 2.69 23.87
C GLU B 428 8.61 3.60 24.98
N ILE B 429 8.94 4.88 24.90
CA ILE B 429 8.53 5.88 25.89
C ILE B 429 7.55 6.84 25.24
N TYR B 430 6.38 7.00 25.85
CA TYR B 430 5.31 7.83 25.31
C TYR B 430 4.86 8.84 26.36
N ASP B 431 3.92 9.70 25.95
CA ASP B 431 3.29 10.66 26.86
C ASP B 431 4.30 11.58 27.51
N THR B 432 4.67 12.66 26.81
CA THR B 432 5.59 13.65 27.36
C THR B 432 5.35 15.04 26.76
N GLY B 433 4.74 15.10 25.59
CA GLY B 433 4.56 16.35 24.89
C GLY B 433 5.80 16.88 24.22
N ASP B 434 6.91 16.14 24.26
CA ASP B 434 8.13 16.58 23.60
C ASP B 434 7.88 16.74 22.10
N SER B 435 8.51 17.76 21.51
CA SER B 435 8.33 18.01 20.08
C SER B 435 8.61 16.76 19.26
N VAL B 436 9.61 15.97 19.66
CA VAL B 436 9.95 14.73 18.98
C VAL B 436 9.95 13.63 20.05
N ILE B 437 8.83 12.93 20.18
CA ILE B 437 8.77 11.74 21.02
C ILE B 437 9.39 10.58 20.24
N ARG B 438 10.25 9.82 20.90
CA ARG B 438 10.97 8.75 20.22
C ARG B 438 11.43 7.74 21.26
N PRO B 439 11.76 6.52 20.83
CA PRO B 439 12.22 5.50 21.78
C PRO B 439 13.51 5.93 22.48
N LYS B 440 13.82 5.19 23.55
CA LYS B 440 15.03 5.39 24.32
C LYS B 440 15.83 4.10 24.27
N LEU B 441 17.06 4.20 23.76
CA LEU B 441 17.94 3.03 23.61
C LEU B 441 19.03 3.10 24.68
N PHE B 442 19.08 2.08 25.53
CA PHE B 442 20.02 2.01 26.63
C PHE B 442 21.06 0.92 26.39
N ALA B 443 22.22 1.09 27.02
CA ALA B 443 23.29 0.10 26.99
C ALA B 443 23.71 -0.20 28.41
N VAL B 444 23.63 -1.48 28.79
CA VAL B 444 23.86 -1.89 30.18
C VAL B 444 24.90 -3.00 30.18
N LYS B 445 25.88 -2.89 31.08
CA LYS B 445 26.92 -3.90 31.25
C LYS B 445 26.52 -4.84 32.38
N ILE B 446 26.56 -6.14 32.11
CA ILE B 446 26.18 -7.13 33.11
C ILE B 446 27.31 -7.26 34.14
N PRO B 447 27.02 -7.08 35.42
CA PRO B 447 28.06 -7.28 36.44
C PRO B 447 28.62 -8.70 36.41
N ALA B 448 29.93 -8.81 36.53
CA ALA B 448 30.61 -10.10 36.62
C ALA B 448 30.87 -10.51 38.05
N GLN B 449 31.24 -9.58 38.92
CA GLN B 449 31.43 -9.82 40.34
C GLN B 449 30.47 -8.94 41.13
N CYS B 450 29.97 -9.48 42.23
CA CYS B 450 28.86 -8.85 42.96
C CYS B 450 29.40 -7.80 43.92
N SER B 451 29.16 -6.52 43.58
CA SER B 451 29.46 -5.42 44.48
C SER B 451 28.31 -5.20 45.46
#